data_2E53
#
_entry.id   2E53
#
_cell.length_a   157.367
_cell.length_b   91.093
_cell.length_c   73.399
_cell.angle_alpha   90.00
_cell.angle_beta   90.00
_cell.angle_gamma   90.00
#
_symmetry.space_group_name_H-M   'P 21 21 2'
#
loop_
_entity.id
_entity.type
_entity.pdbx_description
1 polymer 'Basic agglutinin'
2 branched beta-D-mannopyranose-(1-4)-2-acetamido-2-deoxy-beta-D-glucopyranose-(1-4)-[alpha-L-fucopyranose-(1-3)]2-acetamido-2-deoxy-beta-D-glucopyranose
3 branched alpha-L-fucopyranose-(1-3)-[2-acetamido-2-deoxy-beta-D-glucopyranose-(1-4)]2-acetamido-2-deoxy-beta-D-glucopyranose
4 branched alpha-D-galactopyranose-(1-3)-alpha-D-galactopyranose
5 branched alpha-L-fucopyranose-(1-3)-[2-acetamido-2-deoxy-alpha-D-glucopyranose-(1-4)]2-acetamido-2-deoxy-beta-D-glucopyranose
6 branched 2-acetamido-2-deoxy-beta-D-glucopyranose-(1-4)-2-acetamido-2-deoxy-beta-D-glucopyranose
7 non-polymer 'CALCIUM ION'
8 non-polymer 'MANGANESE (II) ION'
9 water water
#
_entity_poly.entity_id   1
_entity_poly.type   'polypeptide(L)'
_entity_poly.pdbx_seq_one_letter_code
;KTISFNFNQFHQNEEQLKLQRDARISSNSVLELTKVVNGVPTWNSTGRALYAKPVQVWDSTTGNVASFETRFSFSIRQPF
PRPHPADGLVFFIAPPNTQTGEGGGYFGIYNPLSPYPFVAVEFDTFRNTWDPQIPHIGIDVNSVISTKTVPFTLDNGGIA
NVVIKYDASTKILHVVLVFPSLGTIYTIADIVDLKQVLPESVNVGFSAATGDPSGKQRNATETHDILSWSFSASLPGTNE
F
;
_entity_poly.pdbx_strand_id   A,B,C,D
#
loop_
_chem_comp.id
_chem_comp.type
_chem_comp.name
_chem_comp.formula
BMA D-saccharide, beta linking beta-D-mannopyranose 'C6 H12 O6'
CA non-polymer 'CALCIUM ION' 'Ca 2'
FUC L-saccharide, alpha linking alpha-L-fucopyranose 'C6 H12 O5'
GLA D-saccharide, alpha linking alpha-D-galactopyranose 'C6 H12 O6'
MN non-polymer 'MANGANESE (II) ION' 'Mn 2'
NAG D-saccharide, beta linking 2-acetamido-2-deoxy-beta-D-glucopyranose 'C8 H15 N O6'
NDG D-saccharide, alpha linking 2-acetamido-2-deoxy-alpha-D-glucopyranose 'C8 H15 N O6'
#
# COMPACT_ATOMS: atom_id res chain seq x y z
N LYS A 1 -0.61 4.12 20.90
CA LYS A 1 0.82 3.99 21.32
C LYS A 1 1.65 5.06 20.60
N THR A 2 1.95 6.13 21.33
CA THR A 2 2.73 7.22 20.80
C THR A 2 3.86 7.56 21.74
N ILE A 3 5.05 7.70 21.17
CA ILE A 3 6.21 8.05 21.96
C ILE A 3 6.85 9.25 21.29
N SER A 4 7.33 10.19 22.08
CA SER A 4 7.97 11.35 21.51
C SER A 4 8.85 12.08 22.52
N PHE A 5 9.80 12.83 22.02
CA PHE A 5 10.68 13.58 22.84
C PHE A 5 11.21 14.76 22.04
N ASN A 6 11.67 15.78 22.75
CA ASN A 6 12.20 16.96 22.11
C ASN A 6 13.36 17.54 22.90
N PHE A 7 14.41 17.92 22.19
CA PHE A 7 15.58 18.50 22.80
C PHE A 7 15.84 19.81 22.09
N ASN A 8 15.53 20.93 22.73
CA ASN A 8 15.80 22.21 22.10
C ASN A 8 17.28 22.46 22.17
N GLN A 9 17.94 21.80 23.12
CA GLN A 9 19.37 21.90 23.35
C GLN A 9 19.73 20.74 24.24
N PHE A 10 21.02 20.54 24.50
CA PHE A 10 21.45 19.43 25.34
C PHE A 10 22.23 19.91 26.56
N HIS A 11 21.97 19.30 27.71
CA HIS A 11 22.65 19.66 28.95
C HIS A 11 23.64 18.59 29.36
N GLN A 12 24.62 18.95 30.18
CA GLN A 12 25.61 18.00 30.66
C GLN A 12 24.91 16.80 31.27
N ASN A 13 25.45 15.62 30.99
CA ASN A 13 24.89 14.36 31.46
C ASN A 13 23.36 14.41 31.63
N GLU A 14 22.71 14.35 30.48
CA GLU A 14 21.26 14.35 30.37
C GLU A 14 20.86 12.90 30.66
N GLU A 15 19.81 12.72 31.45
CA GLU A 15 19.35 11.36 31.78
C GLU A 15 18.79 10.63 30.57
N GLN A 16 18.25 11.39 29.63
CA GLN A 16 17.62 10.85 28.44
C GLN A 16 18.55 10.30 27.37
N LEU A 17 19.82 10.67 27.42
CA LEU A 17 20.76 10.22 26.41
C LEU A 17 21.80 9.26 26.92
N LYS A 18 22.30 8.43 26.00
CA LYS A 18 23.36 7.46 26.28
C LYS A 18 24.48 7.92 25.36
N LEU A 19 25.57 8.41 25.92
CA LEU A 19 26.68 8.86 25.11
C LEU A 19 27.71 7.73 25.08
N GLN A 20 28.26 7.46 23.90
CA GLN A 20 29.23 6.39 23.77
C GLN A 20 30.51 6.89 23.09
N ARG A 21 31.64 6.32 23.52
CA ARG A 21 32.94 6.68 23.00
C ARG A 21 33.22 8.16 23.17
N ASP A 22 33.61 8.83 22.10
CA ASP A 22 33.96 10.24 22.16
C ASP A 22 32.82 11.25 22.30
N ALA A 23 31.59 10.82 22.12
CA ALA A 23 30.47 11.72 22.21
C ALA A 23 30.43 12.49 23.53
N ARG A 24 30.24 13.79 23.43
CA ARG A 24 30.15 14.59 24.63
C ARG A 24 29.30 15.85 24.36
N ILE A 25 28.70 16.35 25.43
CA ILE A 25 27.87 17.54 25.34
C ILE A 25 28.69 18.72 25.84
N SER A 26 28.80 19.75 25.00
CA SER A 26 29.57 20.93 25.37
C SER A 26 28.83 21.79 26.38
N SER A 27 29.58 22.67 27.05
CA SER A 27 29.01 23.57 28.05
C SER A 27 27.97 24.52 27.44
N ASN A 28 28.13 24.84 26.16
CA ASN A 28 27.19 25.73 25.52
C ASN A 28 26.03 24.99 24.84
N SER A 29 25.70 23.81 25.34
CA SER A 29 24.57 23.03 24.86
C SER A 29 24.56 22.21 23.58
N VAL A 30 25.68 22.03 22.90
CA VAL A 30 25.63 21.25 21.68
C VAL A 30 26.15 19.82 21.88
N LEU A 31 25.60 18.89 21.11
CA LEU A 31 26.01 17.50 21.17
C LEU A 31 27.14 17.30 20.15
N GLU A 32 28.35 17.15 20.66
CA GLU A 32 29.50 16.94 19.79
C GLU A 32 29.74 15.44 19.68
N LEU A 33 29.39 14.86 18.56
CA LEU A 33 29.56 13.42 18.36
C LEU A 33 31.04 13.05 18.33
N THR A 34 31.85 13.85 17.64
CA THR A 34 33.27 13.55 17.56
C THR A 34 34.15 14.55 18.29
N LYS A 35 35.33 14.09 18.69
CA LYS A 35 36.31 14.85 19.44
C LYS A 35 36.75 16.19 18.86
N VAL A 36 36.65 17.22 19.67
CA VAL A 36 37.10 18.55 19.27
C VAL A 36 37.85 19.13 20.47
N VAL A 37 39.16 19.32 20.32
CA VAL A 37 39.99 19.86 21.41
C VAL A 37 40.43 21.30 21.14
N ASN A 38 40.07 22.19 22.07
CA ASN A 38 40.42 23.60 21.94
C ASN A 38 39.91 24.15 20.61
N GLY A 39 38.65 23.88 20.31
CA GLY A 39 38.04 24.37 19.07
C GLY A 39 38.53 23.72 17.77
N VAL A 40 39.31 22.64 17.89
CA VAL A 40 39.82 21.97 16.71
C VAL A 40 39.44 20.49 16.69
N PRO A 41 38.82 20.03 15.60
CA PRO A 41 38.43 18.63 15.50
C PRO A 41 39.65 17.77 15.25
N THR A 42 39.69 16.59 15.85
CA THR A 42 40.81 15.69 15.69
C THR A 42 40.40 14.49 14.86
N TRP A 43 41.39 13.78 14.34
CA TRP A 43 41.12 12.59 13.55
C TRP A 43 40.98 11.41 14.53
N ASN A 44 40.79 10.21 13.99
CA ASN A 44 40.70 9.02 14.81
C ASN A 44 39.65 9.13 15.91
N SER A 45 38.52 9.77 15.58
CA SER A 45 37.45 9.93 16.57
C SER A 45 36.14 9.29 16.11
N THR A 46 35.43 8.68 17.05
CA THR A 46 34.17 8.04 16.80
C THR A 46 33.28 8.20 18.05
N GLY A 47 32.01 8.56 17.84
CA GLY A 47 31.10 8.75 18.96
C GLY A 47 29.65 8.60 18.55
N ARG A 48 28.82 8.17 19.48
CA ARG A 48 27.40 7.96 19.23
C ARG A 48 26.58 8.50 20.37
N ALA A 49 25.30 8.73 20.11
CA ALA A 49 24.38 9.21 21.13
C ALA A 49 23.06 8.54 20.84
N LEU A 50 22.57 7.78 21.81
CA LEU A 50 21.32 7.05 21.68
C LEU A 50 20.29 7.58 22.66
N TYR A 51 19.03 7.51 22.28
CA TYR A 51 17.96 7.91 23.18
C TYR A 51 17.97 6.75 24.19
N ALA A 52 17.95 7.09 25.48
CA ALA A 52 18.05 6.09 26.54
C ALA A 52 17.02 4.97 26.55
N LYS A 53 15.81 5.26 26.12
CA LYS A 53 14.77 4.24 26.13
C LYS A 53 14.48 3.65 24.77
N PRO A 54 14.20 2.35 24.72
CA PRO A 54 13.90 1.68 23.45
C PRO A 54 12.54 2.08 22.91
N VAL A 55 12.39 2.07 21.60
CA VAL A 55 11.11 2.41 20.99
C VAL A 55 10.63 1.19 20.22
N GLN A 56 9.32 0.97 20.21
CA GLN A 56 8.77 -0.16 19.48
C GLN A 56 8.41 0.29 18.08
N VAL A 57 9.09 -0.27 17.07
CA VAL A 57 8.79 0.08 15.68
C VAL A 57 7.73 -0.82 15.06
N TRP A 58 7.57 -2.02 15.61
CA TRP A 58 6.52 -2.92 15.13
C TRP A 58 6.13 -3.94 16.20
N ASP A 59 4.95 -4.51 16.04
CA ASP A 59 4.41 -5.47 16.99
C ASP A 59 4.11 -6.80 16.34
N SER A 60 4.81 -7.82 16.82
CA SER A 60 4.70 -9.19 16.34
C SER A 60 3.29 -9.78 16.47
N THR A 61 2.53 -9.27 17.44
CA THR A 61 1.17 -9.72 17.70
C THR A 61 0.17 -9.26 16.64
N THR A 62 0.22 -7.98 16.31
CA THR A 62 -0.70 -7.38 15.34
C THR A 62 -0.12 -7.33 13.93
N GLY A 63 1.21 -7.35 13.82
CA GLY A 63 1.85 -7.28 12.52
C GLY A 63 2.01 -5.83 12.05
N ASN A 64 1.53 -4.90 12.85
CA ASN A 64 1.60 -3.47 12.54
C ASN A 64 3.01 -2.87 12.69
N VAL A 65 3.31 -1.90 11.82
CA VAL A 65 4.59 -1.23 11.84
C VAL A 65 4.34 0.23 12.18
N ALA A 66 5.24 0.82 12.94
CA ALA A 66 5.10 2.21 13.34
C ALA A 66 5.50 3.18 12.25
N SER A 67 4.94 4.39 12.33
CA SER A 67 5.27 5.48 11.43
C SER A 67 6.02 6.41 12.36
N PHE A 68 6.98 7.15 11.83
CA PHE A 68 7.70 8.09 12.67
C PHE A 68 8.19 9.30 11.93
N GLU A 69 8.59 10.29 12.68
CA GLU A 69 9.12 11.53 12.13
C GLU A 69 10.17 12.02 13.10
N THR A 70 11.31 12.44 12.57
CA THR A 70 12.34 12.96 13.41
C THR A 70 12.91 14.18 12.71
N ARG A 71 13.22 15.19 13.49
CA ARG A 71 13.77 16.42 12.98
C ARG A 71 14.99 16.78 13.82
N PHE A 72 16.03 17.27 13.17
CA PHE A 72 17.21 17.68 13.92
C PHE A 72 18.01 18.67 13.12
N SER A 73 18.91 19.36 13.81
CA SER A 73 19.79 20.34 13.22
C SER A 73 21.20 19.91 13.56
N PHE A 74 22.08 20.01 12.57
CA PHE A 74 23.45 19.64 12.80
C PHE A 74 24.34 20.65 12.14
N SER A 75 25.62 20.58 12.42
CA SER A 75 26.57 21.48 11.83
C SER A 75 27.87 20.73 11.64
N ILE A 76 28.43 20.91 10.45
CA ILE A 76 29.69 20.28 10.11
C ILE A 76 30.63 21.39 9.66
N ARG A 77 31.67 21.60 10.45
CA ARG A 77 32.66 22.61 10.13
C ARG A 77 33.88 21.83 9.68
N GLN A 78 34.43 22.20 8.51
CA GLN A 78 35.62 21.56 7.97
C GLN A 78 36.73 22.59 7.90
N PRO A 79 37.56 22.71 8.96
CA PRO A 79 38.69 23.63 9.10
C PRO A 79 39.81 23.41 8.09
N PHE A 80 40.09 22.16 7.78
CA PHE A 80 41.16 21.83 6.83
C PHE A 80 40.57 21.29 5.53
N PRO A 81 40.56 22.13 4.48
CA PRO A 81 40.04 21.76 3.17
C PRO A 81 40.83 20.70 2.44
N ARG A 82 42.14 20.65 2.68
CA ARG A 82 43.00 19.67 2.03
C ARG A 82 43.62 18.77 3.07
N PRO A 83 43.79 17.48 2.73
CA PRO A 83 43.46 16.82 1.47
C PRO A 83 42.01 16.35 1.35
N HIS A 84 41.38 16.07 2.48
CA HIS A 84 40.01 15.61 2.44
C HIS A 84 39.35 15.45 3.82
N PRO A 85 38.21 16.13 4.05
CA PRO A 85 37.51 16.03 5.34
C PRO A 85 36.92 14.63 5.46
N ALA A 86 36.69 14.16 6.68
CA ALA A 86 36.11 12.83 6.89
C ALA A 86 35.54 12.74 8.30
N ASP A 87 34.56 11.86 8.54
CA ASP A 87 33.98 10.97 7.52
C ASP A 87 32.49 11.26 7.28
N GLY A 88 31.82 11.82 8.28
CA GLY A 88 30.42 12.14 8.15
C GLY A 88 29.64 11.67 9.36
N LEU A 89 28.32 11.86 9.33
CA LEU A 89 27.47 11.46 10.44
C LEU A 89 26.21 10.82 9.94
N VAL A 90 25.57 10.05 10.82
CA VAL A 90 24.34 9.39 10.46
C VAL A 90 23.29 9.44 11.58
N PHE A 91 22.05 9.22 11.18
CA PHE A 91 20.96 9.10 12.10
C PHE A 91 20.68 7.61 11.90
N PHE A 92 20.58 6.82 12.96
CA PHE A 92 20.34 5.42 12.75
C PHE A 92 19.37 4.79 13.73
N ILE A 93 18.88 3.61 13.33
CA ILE A 93 17.96 2.81 14.10
C ILE A 93 18.62 1.44 14.11
N ALA A 94 18.72 0.86 15.31
CA ALA A 94 19.36 -0.43 15.48
C ALA A 94 18.81 -1.17 16.70
N PRO A 95 19.17 -2.45 16.85
CA PRO A 95 18.68 -3.22 18.00
C PRO A 95 19.19 -2.54 19.26
N PRO A 96 18.53 -2.76 20.39
CA PRO A 96 19.03 -2.11 21.60
C PRO A 96 20.29 -2.76 22.15
N ASN A 97 21.05 -1.97 22.90
CA ASN A 97 22.29 -2.43 23.53
C ASN A 97 23.41 -2.77 22.56
N THR A 98 23.57 -2.01 21.48
CA THR A 98 24.67 -2.28 20.56
C THR A 98 25.89 -1.49 21.02
N GLN A 99 27.05 -1.85 20.49
CA GLN A 99 28.28 -1.16 20.85
C GLN A 99 28.76 -0.42 19.61
N THR A 100 29.56 0.61 19.83
CA THR A 100 30.08 1.38 18.71
C THR A 100 30.82 0.45 17.74
N GLY A 101 30.47 0.54 16.47
CA GLY A 101 31.13 -0.29 15.48
C GLY A 101 32.45 0.32 15.05
N GLU A 102 32.89 -0.06 13.85
CA GLU A 102 34.12 0.43 13.25
C GLU A 102 33.96 1.90 12.88
N GLY A 103 35.03 2.67 12.99
CA GLY A 103 34.96 4.09 12.66
C GLY A 103 35.14 4.35 11.17
N GLY A 104 35.74 5.48 10.84
CA GLY A 104 35.94 5.83 9.43
C GLY A 104 34.67 5.81 8.61
N GLY A 105 34.75 5.24 7.41
CA GLY A 105 33.63 5.16 6.49
C GLY A 105 32.49 4.34 6.98
N TYR A 106 32.66 3.68 8.12
CA TYR A 106 31.58 2.87 8.71
C TYR A 106 30.79 3.64 9.78
N PHE A 107 31.18 4.90 9.98
CA PHE A 107 30.51 5.83 10.89
C PHE A 107 30.31 5.35 12.31
N GLY A 108 30.86 4.22 12.67
CA GLY A 108 30.69 3.72 14.02
C GLY A 108 29.43 2.89 14.21
N ILE A 109 28.74 2.54 13.11
CA ILE A 109 27.53 1.74 13.24
C ILE A 109 27.65 0.33 12.66
N TYR A 110 28.71 0.10 11.91
CA TYR A 110 28.92 -1.20 11.30
C TYR A 110 30.11 -1.92 11.93
N ASN A 111 29.83 -3.11 12.49
CA ASN A 111 30.84 -3.95 13.14
C ASN A 111 31.00 -5.21 12.30
N PRO A 112 32.11 -5.32 11.55
CA PRO A 112 32.37 -6.47 10.69
C PRO A 112 32.33 -7.87 11.33
N LEU A 113 32.89 -8.03 12.52
CA LEU A 113 32.88 -9.36 13.11
C LEU A 113 31.68 -9.65 14.01
N SER A 114 30.63 -8.85 13.85
CA SER A 114 29.42 -9.03 14.63
C SER A 114 28.37 -8.08 14.08
N PRO A 115 28.09 -8.15 12.76
CA PRO A 115 27.10 -7.26 12.16
C PRO A 115 25.70 -7.37 12.73
N TYR A 116 25.10 -6.22 13.03
CA TYR A 116 23.73 -6.20 13.50
C TYR A 116 22.96 -5.36 12.46
N PRO A 117 21.67 -5.65 12.29
CA PRO A 117 20.90 -4.89 11.31
C PRO A 117 20.72 -3.42 11.71
N PHE A 118 20.47 -2.58 10.70
CA PHE A 118 20.27 -1.17 10.95
C PHE A 118 19.75 -0.44 9.72
N VAL A 119 19.05 0.65 9.97
CA VAL A 119 18.56 1.51 8.91
C VAL A 119 19.16 2.85 9.31
N ALA A 120 19.83 3.49 8.35
CA ALA A 120 20.47 4.75 8.64
C ALA A 120 20.41 5.74 7.48
N VAL A 121 20.46 7.03 7.82
CA VAL A 121 20.46 8.09 6.84
C VAL A 121 21.81 8.75 7.07
N GLU A 122 22.66 8.69 6.04
CA GLU A 122 24.00 9.24 6.17
C GLU A 122 24.20 10.57 5.45
N PHE A 123 25.11 11.33 6.01
CA PHE A 123 25.54 12.61 5.46
C PHE A 123 27.04 12.31 5.37
N ASP A 124 27.42 11.77 4.21
CA ASP A 124 28.76 11.31 3.91
C ASP A 124 29.65 12.37 3.32
N THR A 125 30.79 12.60 3.97
CA THR A 125 31.73 13.63 3.53
C THR A 125 33.05 13.12 2.91
N PHE A 126 33.31 11.81 3.03
CA PHE A 126 34.52 11.21 2.49
C PHE A 126 34.18 10.13 1.48
N ARG A 127 34.82 10.19 0.31
CA ARG A 127 34.54 9.20 -0.71
C ARG A 127 35.32 7.90 -0.58
N ASN A 128 34.68 6.87 -0.03
CA ASN A 128 35.31 5.57 0.11
C ASN A 128 35.22 4.88 -1.25
N THR A 129 35.72 3.66 -1.34
CA THR A 129 35.71 2.93 -2.61
C THR A 129 34.31 2.63 -3.09
N TRP A 130 33.39 2.44 -2.15
CA TRP A 130 32.00 2.12 -2.46
C TRP A 130 31.10 3.35 -2.64
N ASP A 131 31.67 4.55 -2.50
CA ASP A 131 30.91 5.80 -2.60
C ASP A 131 30.94 6.54 -3.91
N PRO A 132 29.88 7.32 -4.17
CA PRO A 132 29.73 8.16 -5.36
C PRO A 132 30.30 9.50 -4.90
N GLN A 133 30.22 10.54 -5.73
CA GLN A 133 30.74 11.86 -5.36
C GLN A 133 30.24 12.30 -3.97
N ILE A 134 31.08 13.02 -3.23
CA ILE A 134 30.67 13.53 -1.92
C ILE A 134 30.69 15.06 -1.97
N PRO A 135 29.96 15.72 -1.04
CA PRO A 135 29.14 15.07 -0.01
C PRO A 135 27.87 14.52 -0.62
N HIS A 136 27.24 13.59 0.07
CA HIS A 136 25.97 13.07 -0.41
C HIS A 136 25.13 12.51 0.74
N ILE A 137 23.83 12.48 0.52
CA ILE A 137 22.90 11.92 1.48
C ILE A 137 22.70 10.50 1.01
N GLY A 138 22.56 9.58 1.95
CA GLY A 138 22.38 8.20 1.56
C GLY A 138 21.46 7.47 2.50
N ILE A 139 20.72 6.52 1.95
CA ILE A 139 19.83 5.70 2.74
C ILE A 139 20.52 4.33 2.82
N ASP A 140 20.88 3.92 4.03
CA ASP A 140 21.58 2.68 4.27
C ASP A 140 20.77 1.64 5.00
N VAL A 141 20.76 0.42 4.47
CA VAL A 141 20.05 -0.69 5.09
C VAL A 141 21.03 -1.82 5.32
N ASN A 142 21.39 -2.07 6.58
CA ASN A 142 22.33 -3.13 6.95
C ASN A 142 23.73 -2.99 6.36
N SER A 143 23.95 -1.93 5.61
CA SER A 143 25.25 -1.72 5.00
C SER A 143 25.49 -0.25 4.75
N VAL A 144 26.74 0.14 4.54
CA VAL A 144 27.05 1.53 4.28
C VAL A 144 27.11 1.77 2.77
N ILE A 145 26.78 0.74 2.02
CA ILE A 145 26.71 0.86 0.55
C ILE A 145 25.24 1.20 0.30
N SER A 146 24.97 2.51 0.32
CA SER A 146 23.60 3.07 0.17
C SER A 146 22.75 2.49 -0.96
N THR A 147 21.45 2.41 -0.69
CA THR A 147 20.50 1.90 -1.68
C THR A 147 20.17 3.06 -2.61
N LYS A 148 20.30 4.28 -2.10
CA LYS A 148 20.01 5.49 -2.86
C LYS A 148 20.86 6.62 -2.31
N THR A 149 21.36 7.48 -3.19
CA THR A 149 22.14 8.63 -2.75
C THR A 149 21.78 9.85 -3.56
N VAL A 150 22.11 11.01 -3.02
CA VAL A 150 21.88 12.26 -3.72
C VAL A 150 22.98 13.22 -3.25
N PRO A 151 23.60 13.93 -4.18
CA PRO A 151 24.65 14.86 -3.78
C PRO A 151 24.12 16.15 -3.18
N PHE A 152 24.94 16.80 -2.37
CA PHE A 152 24.55 18.07 -1.77
C PHE A 152 25.82 18.88 -1.49
N THR A 153 25.69 20.20 -1.43
CA THR A 153 26.81 21.06 -1.15
C THR A 153 26.67 21.53 0.29
N LEU A 154 27.68 21.23 1.09
CA LEU A 154 27.69 21.58 2.50
C LEU A 154 27.86 23.09 2.80
N ASP A 155 27.14 23.57 3.79
CA ASP A 155 27.31 24.95 4.20
C ASP A 155 28.33 24.79 5.34
N ASN A 156 29.61 24.93 4.98
CA ASN A 156 30.69 24.78 5.93
C ASN A 156 30.51 25.59 7.21
N GLY A 157 30.30 24.89 8.33
CA GLY A 157 30.12 25.59 9.59
C GLY A 157 28.71 26.13 9.79
N GLY A 158 27.89 26.10 8.73
CA GLY A 158 26.53 26.57 8.84
C GLY A 158 25.59 25.54 9.47
N ILE A 159 24.34 25.92 9.68
CA ILE A 159 23.36 25.03 10.27
C ILE A 159 22.55 24.34 9.20
N ALA A 160 22.23 23.07 9.45
CA ALA A 160 21.44 22.28 8.51
C ALA A 160 20.22 21.73 9.24
N ASN A 161 19.06 21.79 8.59
CA ASN A 161 17.82 21.26 9.17
C ASN A 161 17.45 20.02 8.38
N VAL A 162 17.21 18.95 9.12
CA VAL A 162 16.87 17.68 8.51
C VAL A 162 15.50 17.20 8.99
N VAL A 163 14.73 16.64 8.05
CA VAL A 163 13.45 16.10 8.36
C VAL A 163 13.44 14.68 7.80
N ILE A 164 13.24 13.70 8.68
CA ILE A 164 13.17 12.33 8.26
C ILE A 164 11.78 11.83 8.62
N LYS A 165 11.08 11.28 7.66
CA LYS A 165 9.75 10.80 7.88
C LYS A 165 9.58 9.38 7.35
N TYR A 166 8.90 8.55 8.12
CA TYR A 166 8.64 7.19 7.68
C TYR A 166 7.16 6.90 7.74
N ASP A 167 6.58 6.55 6.62
CA ASP A 167 5.15 6.24 6.53
C ASP A 167 5.02 4.72 6.36
N ALA A 168 4.52 4.07 7.42
CA ALA A 168 4.37 2.62 7.41
C ALA A 168 3.45 2.09 6.32
N SER A 169 2.36 2.79 6.04
CA SER A 169 1.42 2.34 5.03
C SER A 169 2.02 2.28 3.63
N THR A 170 3.02 3.11 3.33
CA THR A 170 3.61 3.07 1.99
C THR A 170 5.03 2.54 2.02
N LYS A 171 5.60 2.43 3.24
CA LYS A 171 6.95 1.98 3.45
C LYS A 171 7.94 2.96 2.87
N ILE A 172 7.53 4.21 2.74
CA ILE A 172 8.42 5.21 2.19
C ILE A 172 9.20 5.94 3.29
N LEU A 173 10.50 6.04 3.09
CA LEU A 173 11.36 6.77 4.02
C LEU A 173 11.79 7.99 3.22
N HIS A 174 11.33 9.17 3.61
CA HIS A 174 11.73 10.36 2.90
C HIS A 174 12.52 11.27 3.80
N VAL A 175 13.58 11.86 3.25
CA VAL A 175 14.42 12.75 4.01
C VAL A 175 14.62 14.06 3.26
N VAL A 176 14.56 15.14 4.01
CA VAL A 176 14.76 16.48 3.49
C VAL A 176 15.92 17.16 4.23
N LEU A 177 16.81 17.77 3.46
CA LEU A 177 17.95 18.46 4.03
C LEU A 177 17.90 19.91 3.55
N VAL A 178 17.86 20.85 4.47
CA VAL A 178 17.82 22.26 4.13
C VAL A 178 18.91 23.07 4.84
N PHE A 179 19.57 23.93 4.08
CA PHE A 179 20.58 24.83 4.62
C PHE A 179 19.94 26.23 4.55
N PRO A 180 19.26 26.64 5.62
CA PRO A 180 18.60 27.96 5.67
C PRO A 180 19.43 29.15 5.17
N SER A 181 20.71 29.21 5.52
CA SER A 181 21.55 30.33 5.08
C SER A 181 21.77 30.37 3.57
N LEU A 182 21.73 29.21 2.92
CA LEU A 182 21.92 29.17 1.48
C LEU A 182 20.58 29.03 0.76
N GLY A 183 19.53 28.65 1.50
CA GLY A 183 18.24 28.47 0.88
C GLY A 183 18.16 27.23 -0.01
N THR A 184 19.15 26.35 0.08
CA THR A 184 19.15 25.14 -0.73
C THR A 184 18.33 24.02 -0.08
N ILE A 185 17.72 23.19 -0.92
CA ILE A 185 16.88 22.08 -0.49
C ILE A 185 17.24 20.80 -1.21
N TYR A 186 17.44 19.73 -0.46
CA TYR A 186 17.83 18.44 -1.03
C TYR A 186 16.83 17.42 -0.53
N THR A 187 16.37 16.55 -1.42
CA THR A 187 15.41 15.56 -1.03
C THR A 187 15.75 14.16 -1.58
N ILE A 188 15.47 13.14 -0.78
CA ILE A 188 15.75 11.77 -1.20
C ILE A 188 14.74 10.85 -0.53
N ALA A 189 14.35 9.79 -1.22
CA ALA A 189 13.38 8.86 -0.65
C ALA A 189 13.60 7.45 -1.19
N ASP A 190 13.15 6.47 -0.42
CA ASP A 190 13.28 5.09 -0.85
C ASP A 190 12.30 4.24 -0.06
N ILE A 191 12.11 3.01 -0.52
CA ILE A 191 11.21 2.09 0.13
C ILE A 191 12.00 1.19 1.05
N VAL A 192 11.58 1.16 2.31
CA VAL A 192 12.24 0.34 3.31
C VAL A 192 11.20 -0.34 4.17
N ASP A 193 11.32 -1.65 4.31
CA ASP A 193 10.37 -2.41 5.13
C ASP A 193 11.05 -2.68 6.48
N LEU A 194 10.77 -1.82 7.46
CA LEU A 194 11.37 -1.95 8.78
C LEU A 194 11.15 -3.33 9.41
N LYS A 195 9.93 -3.83 9.27
CA LYS A 195 9.50 -5.09 9.82
C LYS A 195 10.38 -6.23 9.33
N GLN A 196 10.92 -6.06 8.13
CA GLN A 196 11.76 -7.04 7.50
C GLN A 196 13.23 -7.01 7.92
N VAL A 197 13.72 -5.86 8.36
CA VAL A 197 15.12 -5.75 8.74
C VAL A 197 15.41 -5.56 10.21
N LEU A 198 14.46 -5.00 10.96
CA LEU A 198 14.67 -4.72 12.37
C LEU A 198 13.76 -5.46 13.32
N PRO A 199 14.21 -5.62 14.58
CA PRO A 199 13.42 -6.31 15.62
C PRO A 199 12.32 -5.37 16.11
N GLU A 200 11.39 -5.87 16.92
CA GLU A 200 10.29 -5.05 17.40
C GLU A 200 10.74 -3.83 18.20
N SER A 201 11.80 -3.98 18.97
CA SER A 201 12.32 -2.87 19.77
C SER A 201 13.67 -2.42 19.27
N VAL A 202 13.87 -1.12 19.23
CA VAL A 202 15.13 -0.56 18.75
C VAL A 202 15.57 0.68 19.54
N ASN A 203 16.75 1.15 19.20
CA ASN A 203 17.29 2.37 19.77
C ASN A 203 17.42 3.32 18.58
N VAL A 204 17.23 4.60 18.82
CA VAL A 204 17.38 5.58 17.74
C VAL A 204 18.47 6.53 18.19
N GLY A 205 19.25 7.05 17.26
CA GLY A 205 20.29 7.98 17.63
C GLY A 205 21.19 8.41 16.48
N PHE A 206 22.35 8.97 16.84
CA PHE A 206 23.32 9.44 15.88
C PHE A 206 24.67 8.79 16.10
N SER A 207 25.52 8.87 15.07
CA SER A 207 26.85 8.31 15.15
C SER A 207 27.67 9.06 14.11
N ALA A 208 28.95 9.27 14.39
CA ALA A 208 29.81 9.98 13.48
C ALA A 208 31.27 9.56 13.66
N ALA A 209 32.11 9.87 12.69
CA ALA A 209 33.51 9.51 12.76
C ALA A 209 34.36 10.45 11.93
N THR A 210 35.61 10.59 12.35
CA THR A 210 36.57 11.41 11.64
C THR A 210 37.60 10.46 11.02
N GLY A 211 38.55 11.02 10.28
CA GLY A 211 39.55 10.21 9.60
C GLY A 211 40.16 9.07 10.38
N ASP A 212 40.24 7.90 9.72
CA ASP A 212 40.84 6.72 10.31
C ASP A 212 42.37 6.84 10.17
N PRO A 213 43.13 6.46 11.20
CA PRO A 213 44.60 6.55 11.16
C PRO A 213 45.24 5.88 9.92
N SER A 214 44.62 4.79 9.44
CA SER A 214 45.13 4.07 8.28
C SER A 214 45.24 4.96 7.05
N GLY A 215 44.50 6.08 7.05
CA GLY A 215 44.54 7.00 5.94
C GLY A 215 45.78 7.87 6.00
N LYS A 216 46.43 7.88 7.16
CA LYS A 216 47.65 8.65 7.40
C LYS A 216 47.51 10.14 7.13
N GLN A 217 46.31 10.68 7.36
CA GLN A 217 46.05 12.11 7.16
C GLN A 217 45.34 12.66 8.37
N ARG A 218 46.04 13.46 9.17
CA ARG A 218 45.46 14.06 10.37
C ARG A 218 44.44 15.14 10.04
N ASN A 219 44.44 15.64 8.80
CA ASN A 219 43.49 16.67 8.41
C ASN A 219 42.17 16.03 7.98
N ALA A 220 42.13 14.71 7.92
CA ALA A 220 40.91 14.03 7.53
C ALA A 220 39.96 14.10 8.73
N THR A 221 39.41 15.29 8.97
CA THR A 221 38.53 15.49 10.11
C THR A 221 37.61 16.69 9.92
N GLU A 222 36.64 16.82 10.81
CA GLU A 222 35.66 17.89 10.78
C GLU A 222 34.84 17.71 12.05
N THR A 223 33.93 18.64 12.32
CA THR A 223 33.08 18.51 13.49
C THR A 223 31.79 17.82 13.07
N HIS A 224 31.10 17.22 14.04
CA HIS A 224 29.82 16.57 13.78
C HIS A 224 28.93 16.92 14.97
N ASP A 225 28.37 18.13 14.94
CA ASP A 225 27.53 18.62 16.03
C ASP A 225 26.03 18.56 15.80
N ILE A 226 25.32 18.11 16.82
CA ILE A 226 23.87 18.04 16.76
C ILE A 226 23.40 19.17 17.69
N LEU A 227 22.60 20.09 17.15
CA LEU A 227 22.11 21.23 17.92
C LEU A 227 20.76 20.99 18.59
N SER A 228 19.84 20.30 17.92
CA SER A 228 18.54 20.02 18.48
C SER A 228 18.01 18.70 17.92
N TRP A 229 17.02 18.10 18.57
CA TRP A 229 16.49 16.84 18.11
C TRP A 229 15.11 16.51 18.64
N SER A 230 14.17 16.25 17.75
CA SER A 230 12.82 15.86 18.17
C SER A 230 12.48 14.55 17.45
N PHE A 231 11.73 13.69 18.13
CA PHE A 231 11.35 12.40 17.58
C PHE A 231 9.93 12.07 17.97
N SER A 232 9.19 11.46 17.06
CA SER A 232 7.82 11.09 17.31
C SER A 232 7.52 9.78 16.56
N ALA A 233 6.82 8.87 17.22
CA ALA A 233 6.49 7.58 16.60
C ALA A 233 5.09 7.13 17.03
N SER A 234 4.35 6.53 16.11
CA SER A 234 3.00 6.03 16.39
C SER A 234 2.83 4.59 15.96
N LEU A 235 2.48 3.74 16.92
CA LEU A 235 2.24 2.32 16.65
C LEU A 235 0.75 2.08 16.90
N PRO A 236 -0.03 1.96 15.83
CA PRO A 236 -1.47 1.71 15.92
C PRO A 236 -1.84 0.37 16.52
N GLY A 237 -0.83 -0.32 17.03
CA GLY A 237 -1.06 -1.63 17.66
C GLY A 237 -1.77 -1.56 19.02
N LYS B 1 15.03 11.01 -24.09
CA LYS B 1 15.94 12.15 -23.78
C LYS B 1 15.47 13.01 -22.60
N THR B 2 16.19 14.09 -22.34
CA THR B 2 15.85 14.99 -21.25
C THR B 2 15.29 16.31 -21.75
N ILE B 3 14.16 16.70 -21.19
CA ILE B 3 13.50 17.95 -21.51
C ILE B 3 13.61 18.82 -20.27
N SER B 4 13.58 20.14 -20.44
CA SER B 4 13.65 21.04 -19.30
C SER B 4 13.51 22.51 -19.65
N PHE B 5 13.01 23.28 -18.72
CA PHE B 5 12.83 24.70 -18.91
C PHE B 5 12.95 25.40 -17.56
N ASN B 6 13.07 26.72 -17.58
CA ASN B 6 13.21 27.44 -16.34
C ASN B 6 12.76 28.88 -16.52
N PHE B 7 11.87 29.31 -15.64
CA PHE B 7 11.34 30.67 -15.65
C PHE B 7 11.81 31.33 -14.36
N ASN B 8 12.85 32.16 -14.41
CA ASN B 8 13.32 32.87 -13.24
C ASN B 8 12.36 34.00 -12.89
N GLN B 9 11.47 34.30 -13.83
CA GLN B 9 10.39 35.29 -13.66
C GLN B 9 9.54 35.26 -14.92
N PHE B 10 8.40 35.90 -14.90
CA PHE B 10 7.52 35.87 -16.07
C PHE B 10 7.41 37.18 -16.82
N HIS B 11 7.57 37.11 -18.13
CA HIS B 11 7.50 38.29 -18.96
C HIS B 11 6.15 38.30 -19.62
N GLN B 12 5.43 39.41 -19.42
CA GLN B 12 4.09 39.59 -19.98
C GLN B 12 4.05 39.06 -21.41
N ASN B 13 2.99 38.33 -21.73
CA ASN B 13 2.87 37.75 -23.07
C ASN B 13 4.00 36.71 -23.26
N GLU B 14 3.97 35.65 -22.47
CA GLU B 14 4.96 34.58 -22.56
C GLU B 14 4.58 33.65 -23.69
N GLU B 15 5.50 33.43 -24.62
CA GLU B 15 5.20 32.54 -25.73
C GLU B 15 5.17 31.09 -25.25
N GLN B 16 5.95 30.81 -24.21
CA GLN B 16 6.05 29.47 -23.62
C GLN B 16 4.87 29.04 -22.75
N LEU B 17 4.03 29.98 -22.35
CA LEU B 17 2.90 29.65 -21.52
C LEU B 17 1.54 29.80 -22.18
N LYS B 18 0.59 29.04 -21.68
CA LYS B 18 -0.79 29.07 -22.13
C LYS B 18 -1.52 29.52 -20.89
N LEU B 19 -2.13 30.70 -20.93
CA LEU B 19 -2.87 31.19 -19.77
C LEU B 19 -4.32 30.95 -20.05
N GLN B 20 -5.04 30.44 -19.06
CA GLN B 20 -6.45 30.17 -19.22
C GLN B 20 -7.28 30.87 -18.16
N ARG B 21 -8.50 31.25 -18.53
CA ARG B 21 -9.41 31.94 -17.64
C ARG B 21 -8.79 33.19 -17.04
N ASP B 22 -8.87 33.33 -15.72
CA ASP B 22 -8.35 34.52 -15.05
C ASP B 22 -6.85 34.66 -14.91
N ALA B 23 -6.08 33.64 -15.27
CA ALA B 23 -4.64 33.72 -15.15
C ALA B 23 -4.03 34.89 -15.95
N ARG B 24 -3.17 35.66 -15.30
CA ARG B 24 -2.52 36.80 -15.92
C ARG B 24 -1.11 36.94 -15.38
N ILE B 25 -0.29 37.65 -16.12
CA ILE B 25 1.07 37.95 -15.72
C ILE B 25 1.08 39.45 -15.42
N SER B 26 1.48 39.81 -14.22
CA SER B 26 1.53 41.21 -13.83
C SER B 26 2.74 41.91 -14.44
N SER B 27 2.67 43.24 -14.46
CA SER B 27 3.76 44.05 -15.02
C SER B 27 5.07 43.84 -14.25
N ASN B 28 4.97 43.50 -12.97
CA ASN B 28 6.17 43.31 -12.21
C ASN B 28 6.66 41.85 -12.21
N SER B 29 6.32 41.12 -13.26
CA SER B 29 6.78 39.75 -13.44
C SER B 29 6.18 38.53 -12.73
N VAL B 30 5.11 38.67 -11.95
CA VAL B 30 4.59 37.49 -11.28
C VAL B 30 3.38 36.91 -12.02
N LEU B 31 3.22 35.60 -11.90
CA LEU B 31 2.12 34.88 -12.52
C LEU B 31 0.97 34.82 -11.50
N GLU B 32 -0.06 35.62 -11.75
CA GLU B 32 -1.22 35.65 -10.88
C GLU B 32 -2.27 34.71 -11.45
N LEU B 33 -2.42 33.54 -10.82
CA LEU B 33 -3.37 32.55 -11.28
C LEU B 33 -4.80 33.03 -11.13
N THR B 34 -5.09 33.70 -10.03
CA THR B 34 -6.45 34.18 -9.83
C THR B 34 -6.53 35.70 -9.81
N LYS B 35 -7.72 36.20 -10.12
CA LYS B 35 -8.00 37.63 -10.22
C LYS B 35 -7.69 38.49 -9.00
N VAL B 36 -6.95 39.56 -9.23
CA VAL B 36 -6.62 40.52 -8.18
C VAL B 36 -6.79 41.91 -8.80
N VAL B 37 -7.77 42.67 -8.31
CA VAL B 37 -8.04 44.00 -8.84
C VAL B 37 -7.63 45.08 -7.84
N ASN B 38 -6.78 45.99 -8.29
CA ASN B 38 -6.29 47.08 -7.46
C ASN B 38 -5.70 46.55 -6.16
N GLY B 39 -4.86 45.53 -6.29
CA GLY B 39 -4.22 44.92 -5.13
C GLY B 39 -5.10 44.09 -4.21
N VAL B 40 -6.31 43.81 -4.66
CA VAL B 40 -7.24 43.04 -3.85
C VAL B 40 -7.76 41.82 -4.60
N PRO B 41 -7.62 40.62 -3.99
CA PRO B 41 -8.08 39.40 -4.63
C PRO B 41 -9.61 39.32 -4.56
N THR B 42 -10.22 38.85 -5.63
CA THR B 42 -11.67 38.74 -5.67
C THR B 42 -12.08 37.29 -5.62
N TRP B 43 -13.35 37.05 -5.31
CA TRP B 43 -13.88 35.70 -5.24
C TRP B 43 -14.30 35.30 -6.65
N ASN B 44 -14.89 34.12 -6.78
CA ASN B 44 -15.39 33.66 -8.07
C ASN B 44 -14.34 33.74 -9.18
N SER B 45 -13.10 33.42 -8.85
CA SER B 45 -12.03 33.44 -9.82
C SER B 45 -11.36 32.07 -9.99
N THR B 46 -11.00 31.75 -11.23
CA THR B 46 -10.33 30.50 -11.56
C THR B 46 -9.37 30.75 -12.71
N GLY B 47 -8.16 30.21 -12.61
CA GLY B 47 -7.17 30.41 -13.66
C GLY B 47 -6.10 29.31 -13.68
N ARG B 48 -5.56 29.05 -14.86
CA ARG B 48 -4.52 28.04 -15.01
C ARG B 48 -3.43 28.55 -15.94
N ALA B 49 -2.26 27.94 -15.83
CA ALA B 49 -1.12 28.28 -16.66
C ALA B 49 -0.46 26.96 -17.00
N LEU B 50 -0.35 26.67 -18.29
CA LEU B 50 0.26 25.45 -18.77
C LEU B 50 1.51 25.73 -19.58
N TYR B 51 2.47 24.83 -19.53
CA TYR B 51 3.67 25.00 -20.33
C TYR B 51 3.12 24.71 -21.72
N ALA B 52 3.43 25.58 -22.68
CA ALA B 52 2.93 25.46 -24.06
C ALA B 52 3.19 24.15 -24.79
N LYS B 53 4.30 23.49 -24.51
CA LYS B 53 4.59 22.26 -25.22
C LYS B 53 4.34 21.01 -24.37
N PRO B 54 3.86 19.94 -24.99
CA PRO B 54 3.59 18.69 -24.27
C PRO B 54 4.88 17.97 -23.90
N VAL B 55 4.85 17.23 -22.78
CA VAL B 55 6.02 16.49 -22.36
C VAL B 55 5.67 15.02 -22.35
N GLN B 56 6.62 14.18 -22.72
CA GLN B 56 6.38 12.76 -22.74
C GLN B 56 6.77 12.18 -21.39
N VAL B 57 5.81 11.61 -20.64
CA VAL B 57 6.11 11.04 -19.33
C VAL B 57 6.41 9.57 -19.43
N TRP B 58 5.96 8.94 -20.51
CA TRP B 58 6.26 7.52 -20.73
C TRP B 58 6.12 7.13 -22.21
N ASP B 59 6.78 6.04 -22.58
CA ASP B 59 6.78 5.55 -23.95
C ASP B 59 6.25 4.13 -24.09
N SER B 60 5.18 3.96 -24.84
CA SER B 60 4.58 2.63 -25.03
C SER B 60 5.50 1.66 -25.76
N THR B 61 6.49 2.16 -26.50
CA THR B 61 7.41 1.30 -27.22
C THR B 61 8.38 0.57 -26.27
N THR B 62 9.01 1.32 -25.37
CA THR B 62 9.97 0.76 -24.43
C THR B 62 9.34 0.40 -23.09
N GLY B 63 8.23 1.06 -22.77
CA GLY B 63 7.56 0.79 -21.50
C GLY B 63 8.18 1.61 -20.36
N ASN B 64 9.18 2.42 -20.70
CA ASN B 64 9.86 3.26 -19.74
C ASN B 64 9.05 4.48 -19.30
N VAL B 65 9.21 4.86 -18.04
CA VAL B 65 8.54 6.01 -17.47
C VAL B 65 9.59 7.06 -17.13
N ALA B 66 9.23 8.32 -17.29
CA ALA B 66 10.16 9.41 -17.03
C ALA B 66 10.24 9.73 -15.55
N SER B 67 11.37 10.29 -15.15
CA SER B 67 11.60 10.74 -13.80
C SER B 67 11.60 12.27 -13.98
N PHE B 68 11.12 13.02 -13.00
CA PHE B 68 11.16 14.46 -13.15
C PHE B 68 11.32 15.18 -11.83
N GLU B 69 11.66 16.46 -11.92
CA GLU B 69 11.82 17.31 -10.78
C GLU B 69 11.34 18.68 -11.16
N THR B 70 10.54 19.29 -10.29
CA THR B 70 10.06 20.62 -10.57
C THR B 70 10.17 21.42 -9.28
N ARG B 71 10.56 22.68 -9.41
CA ARG B 71 10.71 23.56 -8.29
C ARG B 71 10.01 24.86 -8.61
N PHE B 72 9.33 25.41 -7.62
CA PHE B 72 8.66 26.68 -7.82
C PHE B 72 8.45 27.40 -6.50
N SER B 73 8.18 28.69 -6.61
CA SER B 73 7.92 29.52 -5.47
C SER B 73 6.56 30.12 -5.68
N PHE B 74 5.76 30.17 -4.63
CA PHE B 74 4.46 30.77 -4.74
C PHE B 74 4.21 31.62 -3.51
N SER B 75 3.11 32.37 -3.54
CA SER B 75 2.76 33.19 -2.43
C SER B 75 1.25 33.29 -2.36
N ILE B 76 0.73 33.06 -1.16
CA ILE B 76 -0.69 33.15 -0.94
C ILE B 76 -0.90 34.19 0.14
N ARG B 77 -1.57 35.27 -0.21
CA ARG B 77 -1.86 36.32 0.72
C ARG B 77 -3.35 36.22 0.99
N GLN B 78 -3.71 36.17 2.27
CA GLN B 78 -5.08 36.06 2.73
C GLN B 78 -5.41 37.35 3.46
N PRO B 79 -5.95 38.35 2.73
CA PRO B 79 -6.33 39.66 3.25
C PRO B 79 -7.46 39.64 4.28
N PHE B 80 -8.36 38.68 4.14
CA PHE B 80 -9.52 38.60 5.03
C PHE B 80 -9.56 37.29 5.82
N PRO B 81 -9.14 37.33 7.09
CA PRO B 81 -9.13 36.15 7.95
C PRO B 81 -10.47 35.47 8.17
N ARG B 82 -11.53 36.25 8.36
CA ARG B 82 -12.86 35.65 8.54
C ARG B 82 -13.73 35.91 7.29
N PRO B 83 -14.65 34.99 6.97
CA PRO B 83 -14.90 33.74 7.68
C PRO B 83 -13.98 32.60 7.26
N HIS B 84 -13.45 32.64 6.05
CA HIS B 84 -12.59 31.56 5.57
C HIS B 84 -12.00 31.80 4.18
N PRO B 85 -10.66 31.82 4.08
CA PRO B 85 -10.01 32.03 2.77
C PRO B 85 -10.30 30.79 1.89
N ALA B 86 -10.21 30.94 0.58
CA ALA B 86 -10.44 29.83 -0.34
C ALA B 86 -9.84 30.17 -1.70
N ASP B 87 -9.48 29.17 -2.52
CA ASP B 87 -9.62 27.75 -2.19
C ASP B 87 -8.26 27.05 -2.13
N GLY B 88 -7.29 27.59 -2.86
CA GLY B 88 -5.97 27.00 -2.89
C GLY B 88 -5.42 26.87 -4.30
N LEU B 89 -4.25 26.27 -4.45
CA LEU B 89 -3.66 26.10 -5.76
C LEU B 89 -3.03 24.74 -5.89
N VAL B 90 -2.82 24.30 -7.13
CA VAL B 90 -2.21 23.02 -7.38
C VAL B 90 -1.22 23.06 -8.53
N PHE B 91 -0.34 22.06 -8.52
CA PHE B 91 0.60 21.86 -9.60
C PHE B 91 -0.02 20.60 -10.17
N PHE B 92 -0.24 20.54 -11.47
CA PHE B 92 -0.84 19.33 -12.01
C PHE B 92 -0.25 18.85 -13.32
N ILE B 93 -0.59 17.59 -13.64
CA ILE B 93 -0.15 16.93 -14.85
C ILE B 93 -1.44 16.35 -15.41
N ALA B 94 -1.73 16.64 -16.68
CA ALA B 94 -2.95 16.17 -17.30
C ALA B 94 -2.76 15.97 -18.80
N PRO B 95 -3.74 15.36 -19.48
CA PRO B 95 -3.62 15.14 -20.92
C PRO B 95 -3.54 16.51 -21.57
N PRO B 96 -2.97 16.59 -22.77
CA PRO B 96 -2.90 17.90 -23.40
C PRO B 96 -4.22 18.39 -23.95
N ASN B 97 -4.30 19.71 -24.10
CA ASN B 97 -5.48 20.39 -24.63
C ASN B 97 -6.76 20.20 -23.81
N THR B 98 -6.67 20.30 -22.49
CA THR B 98 -7.85 20.16 -21.66
C THR B 98 -8.37 21.55 -21.38
N GLN B 99 -9.61 21.64 -20.92
CA GLN B 99 -10.22 22.93 -20.61
C GLN B 99 -10.32 23.10 -19.08
N THR B 100 -10.34 24.35 -18.62
CA THR B 100 -10.46 24.60 -17.18
C THR B 100 -11.69 23.90 -16.61
N GLY B 101 -11.49 23.16 -15.51
CA GLY B 101 -12.62 22.47 -14.90
C GLY B 101 -13.42 23.38 -14.01
N GLU B 102 -14.13 22.78 -13.05
CA GLU B 102 -14.95 23.50 -12.09
C GLU B 102 -14.04 24.24 -11.10
N GLY B 103 -14.48 25.41 -10.64
CA GLY B 103 -13.69 26.18 -9.71
C GLY B 103 -13.85 25.75 -8.27
N GLY B 104 -13.75 26.69 -7.35
CA GLY B 104 -13.88 26.36 -5.94
C GLY B 104 -12.91 25.27 -5.48
N GLY B 105 -13.44 24.34 -4.67
CA GLY B 105 -12.64 23.25 -4.14
C GLY B 105 -12.10 22.28 -5.18
N TYR B 106 -12.48 22.47 -6.44
CA TYR B 106 -12.00 21.62 -7.51
C TYR B 106 -10.81 22.25 -8.22
N PHE B 107 -10.41 23.43 -7.73
CA PHE B 107 -9.23 24.14 -8.24
C PHE B 107 -9.18 24.41 -9.74
N GLY B 108 -10.23 24.08 -10.47
CA GLY B 108 -10.19 24.30 -11.90
C GLY B 108 -9.59 23.14 -12.69
N ILE B 109 -9.34 22.00 -12.05
CA ILE B 109 -8.78 20.85 -12.76
C ILE B 109 -9.75 19.67 -12.87
N TYR B 110 -10.83 19.71 -12.09
CA TYR B 110 -11.80 18.64 -12.12
C TYR B 110 -13.11 19.09 -12.76
N ASN B 111 -13.53 18.34 -13.77
CA ASN B 111 -14.76 18.64 -14.48
C ASN B 111 -15.73 17.49 -14.29
N PRO B 112 -16.72 17.64 -13.39
CA PRO B 112 -17.71 16.59 -13.13
C PRO B 112 -18.42 16.13 -14.42
N LEU B 113 -18.62 17.05 -15.36
CA LEU B 113 -19.26 16.71 -16.62
C LEU B 113 -18.47 15.60 -17.28
N SER B 114 -17.38 15.97 -17.93
CA SER B 114 -16.51 15.00 -18.61
C SER B 114 -15.09 15.06 -18.01
N PRO B 115 -14.83 14.22 -17.01
CA PRO B 115 -13.59 14.06 -16.26
C PRO B 115 -12.42 13.52 -17.08
N TYR B 116 -11.23 14.13 -16.92
CA TYR B 116 -10.03 13.66 -17.58
C TYR B 116 -9.06 13.31 -16.46
N PRO B 117 -8.17 12.35 -16.71
CA PRO B 117 -7.23 11.97 -15.66
C PRO B 117 -6.22 13.08 -15.32
N PHE B 118 -5.67 13.03 -14.12
CA PHE B 118 -4.70 14.00 -13.70
C PHE B 118 -4.01 13.60 -12.42
N VAL B 119 -2.79 14.10 -12.25
CA VAL B 119 -2.02 13.89 -11.02
C VAL B 119 -1.75 15.31 -10.59
N ALA B 120 -2.06 15.64 -9.35
CA ALA B 120 -1.81 16.99 -8.87
C ALA B 120 -1.34 17.03 -7.43
N VAL B 121 -0.66 18.11 -7.09
CA VAL B 121 -0.20 18.35 -5.74
C VAL B 121 -0.93 19.61 -5.34
N GLU B 122 -1.78 19.50 -4.34
CA GLU B 122 -2.55 20.64 -3.90
C GLU B 122 -2.06 21.32 -2.63
N PHE B 123 -2.34 22.60 -2.56
CA PHE B 123 -2.06 23.42 -1.40
C PHE B 123 -3.46 23.98 -1.17
N ASP B 124 -4.20 23.24 -0.35
CA ASP B 124 -5.60 23.48 -0.02
C ASP B 124 -5.81 24.40 1.17
N THR B 125 -6.58 25.47 0.96
CA THR B 125 -6.82 26.43 2.00
C THR B 125 -8.27 26.47 2.53
N PHE B 126 -9.17 25.76 1.87
CA PHE B 126 -10.56 25.73 2.30
C PHE B 126 -10.99 24.30 2.56
N ARG B 127 -11.63 24.08 3.71
CA ARG B 127 -12.07 22.75 4.07
C ARG B 127 -13.43 22.37 3.49
N ASN B 128 -13.40 21.60 2.42
CA ASN B 128 -14.61 21.09 1.79
C ASN B 128 -15.08 19.86 2.61
N THR B 129 -16.22 19.28 2.25
CA THR B 129 -16.74 18.14 2.97
C THR B 129 -15.80 16.95 2.93
N TRP B 130 -15.02 16.83 1.86
CA TRP B 130 -14.10 15.71 1.71
C TRP B 130 -12.69 15.98 2.26
N ASP B 131 -12.49 17.17 2.83
CA ASP B 131 -11.20 17.57 3.36
C ASP B 131 -10.95 17.44 4.85
N PRO B 132 -9.67 17.26 5.24
CA PRO B 132 -9.22 17.15 6.63
C PRO B 132 -8.93 18.63 6.97
N GLN B 133 -8.46 18.97 8.17
CA GLN B 133 -8.24 20.36 8.48
C GLN B 133 -7.31 21.01 7.47
N ILE B 134 -7.47 22.32 7.30
CA ILE B 134 -6.64 23.11 6.38
C ILE B 134 -5.83 24.12 7.14
N PRO B 135 -4.78 24.67 6.52
CA PRO B 135 -4.34 24.32 5.16
C PRO B 135 -3.65 22.97 5.19
N HIS B 136 -3.57 22.32 4.04
CA HIS B 136 -2.86 21.06 3.97
C HIS B 136 -2.32 20.82 2.57
N ILE B 137 -1.29 19.99 2.48
CA ILE B 137 -0.72 19.60 1.21
C ILE B 137 -1.42 18.28 0.89
N GLY B 138 -1.72 18.04 -0.37
CA GLY B 138 -2.35 16.78 -0.72
C GLY B 138 -1.87 16.25 -2.05
N ILE B 139 -1.85 14.94 -2.18
CA ILE B 139 -1.48 14.31 -3.42
C ILE B 139 -2.78 13.79 -4.02
N ASP B 140 -3.13 14.30 -5.19
CA ASP B 140 -4.37 13.94 -5.85
C ASP B 140 -4.18 13.15 -7.13
N VAL B 141 -4.92 12.06 -7.26
CA VAL B 141 -4.87 11.23 -8.46
C VAL B 141 -6.30 11.07 -9.01
N ASN B 142 -6.59 11.73 -10.12
CA ASN B 142 -7.90 11.69 -10.77
C ASN B 142 -9.03 12.25 -9.92
N SER B 143 -8.71 12.76 -8.76
CA SER B 143 -9.75 13.29 -7.91
C SER B 143 -9.17 14.31 -6.91
N VAL B 144 -10.03 15.10 -6.29
CA VAL B 144 -9.53 16.06 -5.35
C VAL B 144 -9.68 15.51 -3.91
N ILE B 145 -10.02 14.24 -3.83
CA ILE B 145 -10.09 13.57 -2.55
C ILE B 145 -8.72 12.90 -2.45
N SER B 146 -7.76 13.64 -1.89
CA SER B 146 -6.36 13.23 -1.76
C SER B 146 -6.09 11.81 -1.24
N THR B 147 -5.03 11.20 -1.76
CA THR B 147 -4.64 9.88 -1.34
C THR B 147 -3.85 10.02 -0.05
N LYS B 148 -3.22 11.18 0.12
CA LYS B 148 -2.41 11.47 1.29
C LYS B 148 -2.43 12.98 1.53
N THR B 149 -2.46 13.40 2.79
CA THR B 149 -2.42 14.83 3.11
C THR B 149 -1.56 15.07 4.33
N VAL B 150 -1.12 16.31 4.50
CA VAL B 150 -0.34 16.68 5.65
C VAL B 150 -0.66 18.15 5.90
N PRO B 151 -0.89 18.52 7.16
CA PRO B 151 -1.20 19.90 7.47
C PRO B 151 0.04 20.80 7.46
N PHE B 152 -0.19 22.08 7.20
CA PHE B 152 0.88 23.06 7.24
C PHE B 152 0.32 24.41 7.64
N THR B 153 1.16 25.27 8.18
CA THR B 153 0.73 26.60 8.58
C THR B 153 1.30 27.58 7.54
N LEU B 154 0.39 28.29 6.88
CA LEU B 154 0.76 29.24 5.85
C LEU B 154 1.48 30.50 6.36
N ASP B 155 2.46 30.96 5.61
CA ASP B 155 3.13 32.20 5.95
C ASP B 155 2.36 33.21 5.07
N ASN B 156 1.32 33.79 5.66
CA ASN B 156 0.46 34.73 4.98
C ASN B 156 1.23 35.82 4.24
N GLY B 157 1.15 35.79 2.91
CA GLY B 157 1.85 36.79 2.13
C GLY B 157 3.32 36.51 1.94
N GLY B 158 3.84 35.54 2.66
CA GLY B 158 5.25 35.20 2.55
C GLY B 158 5.52 34.33 1.34
N ILE B 159 6.78 34.03 1.11
CA ILE B 159 7.18 33.19 -0.02
C ILE B 159 7.33 31.75 0.42
N ALA B 160 6.96 30.83 -0.46
CA ALA B 160 7.07 29.41 -0.17
C ALA B 160 7.87 28.75 -1.28
N ASN B 161 8.77 27.86 -0.91
CA ASN B 161 9.57 27.13 -1.89
C ASN B 161 9.08 25.70 -1.91
N VAL B 162 8.79 25.21 -3.10
CA VAL B 162 8.29 23.85 -3.26
C VAL B 162 9.21 23.00 -4.14
N VAL B 163 9.43 21.76 -3.73
CA VAL B 163 10.23 20.86 -4.52
C VAL B 163 9.38 19.61 -4.72
N ILE B 164 9.12 19.28 -5.98
CA ILE B 164 8.36 18.08 -6.28
C ILE B 164 9.27 17.19 -7.11
N LYS B 165 9.42 15.95 -6.66
CA LYS B 165 10.30 15.02 -7.33
C LYS B 165 9.60 13.68 -7.59
N TYR B 166 9.80 13.13 -8.77
CA TYR B 166 9.22 11.84 -9.10
C TYR B 166 10.29 10.89 -9.58
N ASP B 167 10.43 9.78 -8.88
CA ASP B 167 11.42 8.78 -9.22
C ASP B 167 10.71 7.57 -9.82
N ALA B 168 10.87 7.38 -11.13
CA ALA B 168 10.20 6.30 -11.85
C ALA B 168 10.55 4.92 -11.35
N SER B 169 11.79 4.71 -10.93
CA SER B 169 12.19 3.39 -10.48
C SER B 169 11.49 2.94 -9.20
N THR B 170 11.10 3.88 -8.35
CA THR B 170 10.40 3.52 -7.12
C THR B 170 8.95 3.94 -7.14
N LYS B 171 8.57 4.77 -8.13
CA LYS B 171 7.21 5.29 -8.28
C LYS B 171 6.86 6.21 -7.11
N ILE B 172 7.85 6.77 -6.48
CA ILE B 172 7.63 7.67 -5.35
C ILE B 172 7.53 9.13 -5.79
N LEU B 173 6.47 9.78 -5.35
CA LEU B 173 6.28 11.20 -5.65
C LEU B 173 6.50 11.86 -4.28
N HIS B 174 7.56 12.62 -4.14
CA HIS B 174 7.80 13.29 -2.88
C HIS B 174 7.76 14.79 -3.06
N VAL B 175 7.10 15.46 -2.14
CA VAL B 175 7.01 16.90 -2.20
C VAL B 175 7.46 17.54 -0.90
N VAL B 176 8.18 18.64 -1.03
CA VAL B 176 8.70 19.38 0.12
C VAL B 176 8.21 20.81 -0.02
N LEU B 177 7.73 21.34 1.09
CA LEU B 177 7.25 22.72 1.17
C LEU B 177 8.04 23.43 2.25
N VAL B 178 8.69 24.54 1.90
CA VAL B 178 9.47 25.30 2.87
C VAL B 178 9.09 26.77 2.85
N PHE B 179 8.99 27.35 4.04
CA PHE B 179 8.68 28.78 4.20
C PHE B 179 9.97 29.37 4.80
N PRO B 180 10.90 29.82 3.94
CA PRO B 180 12.18 30.38 4.40
C PRO B 180 12.09 31.42 5.53
N SER B 181 11.10 32.31 5.51
CA SER B 181 10.97 33.28 6.59
C SER B 181 10.65 32.68 7.96
N LEU B 182 9.97 31.54 7.97
CA LEU B 182 9.61 30.90 9.23
C LEU B 182 10.55 29.73 9.54
N GLY B 183 11.27 29.28 8.51
CA GLY B 183 12.18 28.15 8.68
C GLY B 183 11.46 26.82 8.82
N THR B 184 10.15 26.80 8.53
CA THR B 184 9.38 25.57 8.65
C THR B 184 9.50 24.68 7.41
N ILE B 185 9.44 23.37 7.63
CA ILE B 185 9.58 22.38 6.57
C ILE B 185 8.46 21.34 6.65
N TYR B 186 7.78 21.12 5.54
CA TYR B 186 6.71 20.13 5.47
C TYR B 186 7.03 19.15 4.36
N THR B 187 6.82 17.88 4.64
CA THR B 187 7.13 16.85 3.65
C THR B 187 6.01 15.81 3.53
N ILE B 188 5.78 15.35 2.31
CA ILE B 188 4.75 14.35 2.07
C ILE B 188 5.16 13.52 0.85
N ALA B 189 4.81 12.25 0.86
CA ALA B 189 5.17 11.38 -0.24
C ALA B 189 4.14 10.29 -0.42
N ASP B 190 4.08 9.74 -1.63
CA ASP B 190 3.16 8.65 -1.90
C ASP B 190 3.60 7.94 -3.15
N ILE B 191 3.04 6.76 -3.37
CA ILE B 191 3.37 5.95 -4.56
C ILE B 191 2.31 6.21 -5.65
N VAL B 192 2.78 6.58 -6.81
CA VAL B 192 1.91 6.89 -7.92
C VAL B 192 2.54 6.30 -9.18
N ASP B 193 1.73 5.54 -9.91
CA ASP B 193 2.18 4.92 -11.16
C ASP B 193 1.64 5.75 -12.32
N LEU B 194 2.45 6.70 -12.80
CA LEU B 194 2.04 7.59 -13.87
C LEU B 194 1.55 6.85 -15.11
N LYS B 195 2.27 5.79 -15.45
CA LYS B 195 1.99 4.97 -16.62
C LYS B 195 0.57 4.43 -16.59
N GLN B 196 0.06 4.24 -15.38
CA GLN B 196 -1.26 3.67 -15.17
C GLN B 196 -2.37 4.69 -15.24
N VAL B 197 -2.08 5.96 -14.96
CA VAL B 197 -3.14 6.96 -14.95
C VAL B 197 -3.09 7.97 -16.07
N LEU B 198 -1.92 8.20 -16.61
CA LEU B 198 -1.78 9.22 -17.64
C LEU B 198 -1.30 8.69 -19.01
N PRO B 199 -1.63 9.45 -20.08
CA PRO B 199 -1.22 9.08 -21.43
C PRO B 199 0.27 9.39 -21.60
N GLU B 200 0.88 8.96 -22.70
CA GLU B 200 2.30 9.18 -22.92
C GLU B 200 2.69 10.66 -22.96
N SER B 201 1.82 11.50 -23.51
CA SER B 201 2.11 12.92 -23.57
C SER B 201 1.18 13.71 -22.66
N VAL B 202 1.71 14.70 -21.97
CA VAL B 202 0.91 15.49 -21.06
C VAL B 202 1.34 16.94 -21.04
N ASN B 203 0.59 17.73 -20.30
CA ASN B 203 0.87 19.16 -20.09
C ASN B 203 1.14 19.28 -18.60
N VAL B 204 2.02 20.19 -18.24
CA VAL B 204 2.31 20.40 -16.83
C VAL B 204 1.98 21.86 -16.57
N GLY B 205 1.50 22.17 -15.36
CA GLY B 205 1.17 23.54 -15.05
C GLY B 205 0.53 23.74 -13.70
N PHE B 206 -0.05 24.92 -13.50
CA PHE B 206 -0.69 25.27 -12.26
C PHE B 206 -2.14 25.66 -12.49
N SER B 207 -2.94 25.59 -11.43
CA SER B 207 -4.33 25.97 -11.48
C SER B 207 -4.74 26.40 -10.08
N ALA B 208 -5.62 27.38 -10.00
CA ALA B 208 -6.05 27.88 -8.69
C ALA B 208 -7.46 28.45 -8.77
N ALA B 209 -8.10 28.62 -7.61
CA ALA B 209 -9.44 29.15 -7.57
C ALA B 209 -9.73 29.85 -6.26
N THR B 210 -10.62 30.84 -6.32
CA THR B 210 -11.05 31.55 -5.13
C THR B 210 -12.50 31.13 -4.85
N GLY B 211 -13.07 31.61 -3.75
CA GLY B 211 -14.42 31.26 -3.36
C GLY B 211 -15.46 31.20 -4.45
N ASP B 212 -16.26 30.13 -4.43
CA ASP B 212 -17.34 29.94 -5.40
C ASP B 212 -18.53 30.77 -4.93
N PRO B 213 -19.25 31.41 -5.86
CA PRO B 213 -20.42 32.22 -5.50
C PRO B 213 -21.46 31.49 -4.64
N SER B 214 -21.60 30.19 -4.85
CA SER B 214 -22.56 29.38 -4.11
C SER B 214 -22.30 29.42 -2.61
N GLY B 215 -21.09 29.79 -2.23
CA GLY B 215 -20.77 29.91 -0.80
C GLY B 215 -21.29 31.20 -0.21
N LYS B 216 -21.67 32.13 -1.09
CA LYS B 216 -22.22 33.41 -0.68
C LYS B 216 -21.33 34.23 0.23
N GLN B 217 -20.02 34.09 0.07
CA GLN B 217 -19.05 34.83 0.85
C GLN B 217 -17.99 35.43 -0.05
N ARG B 218 -18.04 36.76 -0.21
CA ARG B 218 -17.09 37.45 -1.06
C ARG B 218 -15.69 37.49 -0.47
N ASN B 219 -15.57 37.22 0.83
CA ASN B 219 -14.26 37.20 1.50
C ASN B 219 -13.56 35.85 1.32
N ALA B 220 -14.26 34.89 0.73
CA ALA B 220 -13.68 33.59 0.48
C ALA B 220 -12.71 33.76 -0.70
N THR B 221 -11.58 34.39 -0.44
CA THR B 221 -10.62 34.62 -1.50
C THR B 221 -9.22 34.84 -0.94
N GLU B 222 -8.24 34.85 -1.85
CA GLU B 222 -6.83 35.05 -1.51
C GLU B 222 -6.09 35.12 -2.84
N THR B 223 -4.80 35.44 -2.80
CA THR B 223 -4.04 35.48 -4.02
C THR B 223 -3.41 34.09 -4.24
N HIS B 224 -3.02 33.81 -5.49
CA HIS B 224 -2.37 32.57 -5.82
C HIS B 224 -1.31 32.91 -6.87
N ASP B 225 -0.19 33.45 -6.37
CA ASP B 225 0.90 33.87 -7.23
C ASP B 225 2.06 32.92 -7.34
N ILE B 226 2.56 32.74 -8.55
CA ILE B 226 3.71 31.90 -8.82
C ILE B 226 4.85 32.87 -9.17
N LEU B 227 5.94 32.80 -8.40
CA LEU B 227 7.07 33.70 -8.63
C LEU B 227 8.11 33.16 -9.58
N SER B 228 8.39 31.87 -9.52
CA SER B 228 9.39 31.27 -10.40
C SER B 228 9.04 29.82 -10.62
N TRP B 229 9.60 29.20 -11.65
CA TRP B 229 9.28 27.83 -11.95
C TRP B 229 10.30 27.14 -12.84
N SER B 230 10.81 26.01 -12.39
CA SER B 230 11.78 25.24 -13.19
C SER B 230 11.26 23.80 -13.25
N PHE B 231 11.52 23.14 -14.36
CA PHE B 231 11.04 21.78 -14.56
C PHE B 231 12.08 21.00 -15.33
N SER B 232 12.23 19.74 -14.99
CA SER B 232 13.19 18.89 -15.65
C SER B 232 12.62 17.46 -15.68
N ALA B 233 12.77 16.79 -16.83
CA ALA B 233 12.27 15.42 -16.96
C ALA B 233 13.23 14.58 -17.82
N SER B 234 13.41 13.32 -17.46
CA SER B 234 14.30 12.41 -18.18
C SER B 234 13.59 11.12 -18.54
N LEU B 235 13.55 10.81 -19.83
CA LEU B 235 12.92 9.60 -20.30
C LEU B 235 13.99 8.84 -21.08
N PRO B 236 14.55 7.77 -20.49
CA PRO B 236 15.59 7.00 -21.19
C PRO B 236 15.12 6.36 -22.52
N GLY B 237 13.84 6.54 -22.84
CA GLY B 237 13.29 5.99 -24.06
C GLY B 237 13.27 6.98 -25.23
N LYS C 1 -13.77 2.68 15.90
CA LYS C 1 -15.22 2.34 15.71
C LYS C 1 -15.41 1.03 14.96
N THR C 2 -15.83 0.00 15.71
CA THR C 2 -16.07 -1.33 15.14
C THR C 2 -17.56 -1.63 15.18
N ILE C 3 -18.19 -1.71 14.02
CA ILE C 3 -19.61 -2.02 13.94
C ILE C 3 -19.85 -3.45 13.40
N SER C 4 -20.74 -4.19 14.06
CA SER C 4 -21.05 -5.55 13.61
C SER C 4 -22.48 -5.97 13.92
N PHE C 5 -22.97 -6.94 13.18
CA PHE C 5 -24.31 -7.45 13.38
C PHE C 5 -24.42 -8.82 12.74
N ASN C 6 -25.24 -9.69 13.34
CA ASN C 6 -25.42 -11.04 12.81
C ASN C 6 -26.88 -11.43 12.64
N PHE C 7 -27.14 -12.24 11.62
CA PHE C 7 -28.47 -12.72 11.33
C PHE C 7 -28.35 -14.19 10.97
N ASN C 8 -28.62 -15.05 11.96
CA ASN C 8 -28.57 -16.50 11.75
C ASN C 8 -29.78 -16.92 10.95
N GLN C 9 -30.85 -16.16 11.10
CA GLN C 9 -32.11 -16.40 10.40
C GLN C 9 -32.87 -15.08 10.44
N PHE C 10 -33.80 -14.91 9.51
CA PHE C 10 -34.55 -13.66 9.46
C PHE C 10 -35.96 -13.78 10.04
N HIS C 11 -36.22 -12.97 11.06
CA HIS C 11 -37.52 -12.92 11.71
C HIS C 11 -38.33 -11.91 10.91
N GLN C 12 -39.64 -11.92 11.10
CA GLN C 12 -40.49 -10.98 10.40
C GLN C 12 -40.63 -9.76 11.30
N ASN C 13 -41.00 -8.63 10.72
CA ASN C 13 -41.14 -7.41 11.51
C ASN C 13 -39.81 -7.16 12.25
N GLU C 14 -38.70 -7.47 11.57
CA GLU C 14 -37.37 -7.26 12.12
C GLU C 14 -37.01 -5.77 12.05
N GLU C 15 -36.78 -5.16 13.20
CA GLU C 15 -36.46 -3.73 13.25
C GLU C 15 -35.13 -3.38 12.63
N GLN C 16 -34.27 -4.37 12.42
CA GLN C 16 -32.95 -4.10 11.86
C GLN C 16 -32.90 -3.97 10.35
N LEU C 17 -33.91 -4.46 9.66
CA LEU C 17 -33.91 -4.41 8.21
C LEU C 17 -34.94 -3.47 7.60
N LYS C 18 -34.62 -2.99 6.41
CA LYS C 18 -35.51 -2.13 5.65
C LYS C 18 -35.75 -2.95 4.40
N LEU C 19 -36.99 -3.41 4.21
CA LEU C 19 -37.30 -4.19 3.03
C LEU C 19 -37.93 -3.24 2.02
N GLN C 20 -37.55 -3.38 0.75
CA GLN C 20 -38.09 -2.51 -0.28
C GLN C 20 -38.66 -3.32 -1.43
N ARG C 21 -39.71 -2.79 -2.04
CA ARG C 21 -40.38 -3.46 -3.17
C ARG C 21 -40.83 -4.88 -2.81
N ASP C 22 -40.47 -5.85 -3.67
CA ASP C 22 -40.88 -7.24 -3.45
C ASP C 22 -40.18 -8.03 -2.34
N ALA C 23 -39.14 -7.48 -1.75
CA ALA C 23 -38.44 -8.20 -0.68
C ALA C 23 -39.41 -8.57 0.45
N ARG C 24 -39.45 -9.87 0.75
CA ARG C 24 -40.35 -10.41 1.78
C ARG C 24 -39.65 -11.45 2.62
N ILE C 25 -39.91 -11.43 3.92
CA ILE C 25 -39.36 -12.44 4.81
C ILE C 25 -40.43 -13.53 4.96
N SER C 26 -40.11 -14.77 4.58
CA SER C 26 -41.06 -15.86 4.67
C SER C 26 -41.25 -16.32 6.10
N SER C 27 -42.36 -17.02 6.33
CA SER C 27 -42.69 -17.53 7.67
C SER C 27 -41.63 -18.50 8.18
N ASN C 28 -40.95 -19.19 7.26
CA ASN C 28 -39.93 -20.12 7.68
C ASN C 28 -38.51 -19.51 7.76
N SER C 29 -38.48 -18.19 7.99
CA SER C 29 -37.22 -17.49 8.17
C SER C 29 -36.27 -17.07 7.05
N VAL C 30 -36.63 -17.24 5.77
CA VAL C 30 -35.72 -16.84 4.73
C VAL C 30 -36.09 -15.47 4.12
N LEU C 31 -35.07 -14.73 3.67
CA LEU C 31 -35.26 -13.43 3.07
C LEU C 31 -35.42 -13.63 1.58
N GLU C 32 -36.63 -13.45 1.10
CA GLU C 32 -36.90 -13.62 -0.32
C GLU C 32 -36.85 -12.25 -0.98
N LEU C 33 -35.78 -12.00 -1.72
CA LEU C 33 -35.62 -10.70 -2.36
C LEU C 33 -36.67 -10.51 -3.45
N THR C 34 -36.91 -11.55 -4.24
CA THR C 34 -37.88 -11.43 -5.30
C THR C 34 -39.16 -12.27 -5.06
N LYS C 35 -40.23 -11.81 -5.69
CA LYS C 35 -41.56 -12.43 -5.59
C LYS C 35 -41.65 -13.92 -5.93
N VAL C 36 -42.23 -14.67 -4.99
CA VAL C 36 -42.46 -16.11 -5.19
C VAL C 36 -43.88 -16.38 -4.66
N VAL C 37 -44.78 -16.74 -5.57
CA VAL C 37 -46.16 -17.02 -5.19
C VAL C 37 -46.47 -18.51 -5.27
N ASN C 38 -46.94 -19.06 -4.15
CA ASN C 38 -47.27 -20.47 -4.09
C ASN C 38 -46.10 -21.34 -4.54
N GLY C 39 -44.92 -21.05 -3.99
CA GLY C 39 -43.74 -21.82 -4.33
C GLY C 39 -43.19 -21.62 -5.74
N VAL C 40 -43.70 -20.63 -6.45
CA VAL C 40 -43.23 -20.36 -7.81
C VAL C 40 -42.77 -18.91 -7.98
N PRO C 41 -41.53 -18.73 -8.48
CA PRO C 41 -41.01 -17.37 -8.70
C PRO C 41 -41.66 -16.75 -9.93
N THR C 42 -42.00 -15.48 -9.82
CA THR C 42 -42.62 -14.78 -10.94
C THR C 42 -41.63 -13.83 -11.60
N TRP C 43 -41.95 -13.38 -12.80
CA TRP C 43 -41.10 -12.44 -13.52
C TRP C 43 -41.48 -11.04 -13.08
N ASN C 44 -40.85 -10.02 -13.69
CA ASN C 44 -41.17 -8.64 -13.38
C ASN C 44 -41.12 -8.34 -11.87
N SER C 45 -40.14 -8.92 -11.18
CA SER C 45 -39.99 -8.68 -9.76
C SER C 45 -38.62 -8.08 -9.41
N THR C 46 -38.64 -7.15 -8.46
CA THR C 46 -37.44 -6.47 -7.98
C THR C 46 -37.62 -6.20 -6.48
N GLY C 47 -36.55 -6.46 -5.70
CA GLY C 47 -36.60 -6.22 -4.27
C GLY C 47 -35.23 -6.06 -3.66
N ARG C 48 -35.16 -5.29 -2.57
CA ARG C 48 -33.90 -5.05 -1.89
C ARG C 48 -34.12 -5.14 -0.38
N ALA C 49 -33.02 -5.31 0.33
CA ALA C 49 -33.02 -5.41 1.80
C ALA C 49 -31.77 -4.71 2.29
N LEU C 50 -31.96 -3.64 3.05
CA LEU C 50 -30.86 -2.85 3.57
C LEU C 50 -30.79 -2.97 5.08
N TYR C 51 -29.57 -2.91 5.62
CA TYR C 51 -29.41 -2.92 7.06
C TYR C 51 -29.94 -1.52 7.45
N ALA C 52 -30.82 -1.48 8.43
CA ALA C 52 -31.46 -0.22 8.85
C ALA C 52 -30.54 0.95 9.21
N LYS C 53 -29.38 0.68 9.80
CA LYS C 53 -28.50 1.75 10.18
C LYS C 53 -27.33 1.94 9.24
N PRO C 54 -26.92 3.20 9.04
CA PRO C 54 -25.81 3.52 8.15
C PRO C 54 -24.48 3.12 8.78
N VAL C 55 -23.52 2.75 7.93
CA VAL C 55 -22.20 2.39 8.42
C VAL C 55 -21.18 3.38 7.84
N GLN C 56 -20.19 3.74 8.64
CA GLN C 56 -19.18 4.67 8.19
C GLN C 56 -18.03 3.88 7.54
N VAL C 57 -17.83 4.06 6.24
CA VAL C 57 -16.74 3.34 5.57
C VAL C 57 -15.43 4.12 5.57
N TRP C 58 -15.52 5.45 5.74
CA TRP C 58 -14.33 6.28 5.83
C TRP C 58 -14.60 7.58 6.53
N ASP C 59 -13.56 8.20 7.06
CA ASP C 59 -13.66 9.45 7.80
C ASP C 59 -12.81 10.57 7.17
N SER C 60 -13.45 11.66 6.76
CA SER C 60 -12.75 12.77 6.11
C SER C 60 -11.77 13.53 7.03
N THR C 61 -11.93 13.38 8.34
CA THR C 61 -11.04 14.06 9.28
C THR C 61 -9.67 13.41 9.33
N THR C 62 -9.63 12.09 9.40
CA THR C 62 -8.38 11.34 9.47
C THR C 62 -7.92 10.83 8.11
N GLY C 63 -8.85 10.68 7.18
CA GLY C 63 -8.51 10.18 5.86
C GLY C 63 -8.50 8.66 5.84
N ASN C 64 -8.77 8.04 6.99
CA ASN C 64 -8.78 6.59 7.10
C ASN C 64 -10.00 5.90 6.46
N VAL C 65 -9.76 4.72 5.91
CA VAL C 65 -10.82 3.96 5.30
C VAL C 65 -11.04 2.69 6.14
N ALA C 66 -12.28 2.24 6.23
CA ALA C 66 -12.59 1.05 7.01
C ALA C 66 -12.30 -0.23 6.24
N SER C 67 -12.04 -1.29 7.01
CA SER C 67 -11.84 -2.62 6.46
C SER C 67 -13.12 -3.34 6.89
N PHE C 68 -13.60 -4.27 6.09
CA PHE C 68 -14.79 -4.99 6.48
C PHE C 68 -14.84 -6.40 5.94
N GLU C 69 -15.70 -7.21 6.56
CA GLU C 69 -15.88 -8.59 6.17
C GLU C 69 -17.36 -8.90 6.32
N THR C 70 -17.92 -9.52 5.31
CA THR C 70 -19.31 -9.90 5.37
C THR C 70 -19.44 -11.33 4.85
N ARG C 71 -20.28 -12.11 5.53
CA ARG C 71 -20.52 -13.48 5.13
C ARG C 71 -22.02 -13.69 5.05
N PHE C 72 -22.45 -14.46 4.05
CA PHE C 72 -23.86 -14.75 3.91
C PHE C 72 -24.07 -16.00 3.09
N SER C 73 -25.27 -16.55 3.22
CA SER C 73 -25.65 -17.74 2.50
C SER C 73 -26.90 -17.38 1.69
N PHE C 74 -26.94 -17.84 0.45
CA PHE C 74 -28.09 -17.57 -0.36
C PHE C 74 -28.43 -18.83 -1.12
N SER C 75 -29.58 -18.79 -1.76
CA SER C 75 -30.01 -19.91 -2.55
C SER C 75 -30.79 -19.38 -3.76
N ILE C 76 -30.46 -19.94 -4.92
CA ILE C 76 -31.13 -19.56 -6.13
C ILE C 76 -31.66 -20.85 -6.76
N ARG C 77 -32.97 -20.94 -6.94
CA ARG C 77 -33.58 -22.11 -7.54
C ARG C 77 -34.22 -21.66 -8.84
N GLN C 78 -33.80 -22.31 -9.93
CA GLN C 78 -34.31 -22.02 -11.26
C GLN C 78 -35.26 -23.14 -11.72
N PRO C 79 -36.56 -22.98 -11.46
CA PRO C 79 -37.60 -23.94 -11.81
C PRO C 79 -37.76 -24.14 -13.30
N PHE C 80 -37.55 -23.07 -14.06
CA PHE C 80 -37.71 -23.11 -15.50
C PHE C 80 -36.38 -23.02 -16.27
N PRO C 81 -35.74 -24.17 -16.51
CA PRO C 81 -34.47 -24.17 -17.22
C PRO C 81 -34.49 -23.33 -18.51
N ARG C 82 -35.52 -23.51 -19.33
CA ARG C 82 -35.63 -22.79 -20.60
C ARG C 82 -36.75 -21.74 -20.57
N PRO C 83 -36.62 -20.66 -21.35
CA PRO C 83 -35.49 -20.38 -22.24
C PRO C 83 -34.27 -19.80 -21.50
N HIS C 84 -34.49 -19.14 -20.37
CA HIS C 84 -33.39 -18.56 -19.63
C HIS C 84 -33.78 -17.92 -18.30
N PRO C 85 -33.18 -18.39 -17.20
CA PRO C 85 -33.48 -17.84 -15.87
C PRO C 85 -32.93 -16.41 -15.79
N ALA C 86 -33.49 -15.58 -14.92
CA ALA C 86 -33.06 -14.20 -14.78
C ALA C 86 -33.52 -13.65 -13.44
N ASP C 87 -32.84 -12.64 -12.89
CA ASP C 87 -31.66 -12.01 -13.49
C ASP C 87 -30.41 -12.21 -12.61
N GLY C 88 -30.63 -12.37 -11.29
CA GLY C 88 -29.52 -12.58 -10.38
C GLY C 88 -29.66 -11.70 -9.17
N LEU C 89 -28.67 -11.75 -8.28
CA LEU C 89 -28.72 -10.94 -7.06
C LEU C 89 -27.36 -10.33 -6.77
N VAL C 90 -27.37 -9.28 -5.95
CA VAL C 90 -26.13 -8.62 -5.60
C VAL C 90 -26.09 -8.22 -4.14
N PHE C 91 -24.87 -8.01 -3.66
CA PHE C 91 -24.63 -7.50 -2.32
C PHE C 91 -24.12 -6.12 -2.72
N PHE C 92 -24.63 -5.06 -2.14
CA PHE C 92 -24.14 -3.76 -2.53
C PHE C 92 -23.97 -2.78 -1.39
N ILE C 93 -23.21 -1.72 -1.69
CA ILE C 93 -22.93 -0.65 -0.75
C ILE C 93 -23.28 0.61 -1.57
N ALA C 94 -24.08 1.49 -0.96
CA ALA C 94 -24.51 2.69 -1.63
C ALA C 94 -24.80 3.82 -0.65
N PRO C 95 -24.99 5.04 -1.17
CA PRO C 95 -25.29 6.15 -0.25
C PRO C 95 -26.58 5.82 0.49
N PRO C 96 -26.81 6.43 1.65
CA PRO C 96 -28.04 6.11 2.36
C PRO C 96 -29.28 6.77 1.73
N ASN C 97 -30.44 6.22 2.06
CA ASN C 97 -31.72 6.72 1.57
C ASN C 97 -31.89 6.66 0.07
N THR C 98 -31.48 5.57 -0.55
CA THR C 98 -31.66 5.41 -2.00
C THR C 98 -32.94 4.60 -2.25
N GLN C 99 -33.43 4.66 -3.48
CA GLN C 99 -34.62 3.92 -3.84
C GLN C 99 -34.25 2.83 -4.83
N THR C 100 -35.12 1.85 -4.96
CA THR C 100 -34.87 0.76 -5.88
C THR C 100 -34.69 1.24 -7.31
N GLY C 101 -33.63 0.81 -7.96
CA GLY C 101 -33.41 1.22 -9.33
C GLY C 101 -34.21 0.37 -10.32
N GLU C 102 -33.72 0.31 -11.55
CA GLU C 102 -34.35 -0.45 -12.62
C GLU C 102 -34.15 -1.95 -12.33
N GLY C 103 -35.13 -2.77 -12.69
CA GLY C 103 -35.01 -4.20 -12.47
C GLY C 103 -34.22 -4.89 -13.56
N GLY C 104 -34.57 -6.13 -13.85
CA GLY C 104 -33.87 -6.87 -14.88
C GLY C 104 -32.36 -6.96 -14.64
N GLY C 105 -31.60 -6.81 -15.74
CA GLY C 105 -30.15 -6.90 -15.68
C GLY C 105 -29.50 -5.83 -14.82
N TYR C 106 -30.31 -4.89 -14.30
CA TYR C 106 -29.77 -3.83 -13.46
C TYR C 106 -29.94 -4.17 -11.98
N PHE C 107 -30.49 -5.36 -11.72
CA PHE C 107 -30.68 -5.87 -10.35
C PHE C 107 -31.40 -4.97 -9.37
N GLY C 108 -31.92 -3.83 -9.83
CA GLY C 108 -32.60 -2.93 -8.91
C GLY C 108 -31.68 -1.95 -8.20
N ILE C 109 -30.41 -1.86 -8.64
CA ILE C 109 -29.46 -0.92 -8.00
C ILE C 109 -29.04 0.21 -8.93
N TYR C 110 -29.30 0.05 -10.21
CA TYR C 110 -28.94 1.09 -11.17
C TYR C 110 -30.19 1.84 -11.68
N ASN C 111 -30.17 3.16 -11.47
CA ASN C 111 -31.25 4.05 -11.89
C ASN C 111 -30.74 5.04 -12.92
N PRO C 112 -30.99 4.78 -14.21
CA PRO C 112 -30.57 5.64 -15.31
C PRO C 112 -30.98 7.10 -15.19
N LEU C 113 -32.09 7.35 -14.49
CA LEU C 113 -32.62 8.71 -14.31
C LEU C 113 -31.87 9.55 -13.28
N SER C 114 -31.48 8.93 -12.17
CA SER C 114 -30.74 9.63 -11.13
C SER C 114 -29.68 8.69 -10.59
N PRO C 115 -28.69 8.27 -11.43
CA PRO C 115 -27.65 7.34 -10.96
C PRO C 115 -26.97 7.79 -9.69
N TYR C 116 -26.81 6.85 -8.75
CA TYR C 116 -26.10 7.13 -7.52
C TYR C 116 -24.94 6.13 -7.53
N PRO C 117 -23.82 6.48 -6.88
CA PRO C 117 -22.67 5.58 -6.85
C PRO C 117 -22.94 4.31 -6.03
N PHE C 118 -22.20 3.25 -6.36
CA PHE C 118 -22.35 2.00 -5.64
C PHE C 118 -21.22 1.02 -5.97
N VAL C 119 -20.95 0.14 -5.00
CA VAL C 119 -19.98 -0.92 -5.19
C VAL C 119 -20.83 -2.16 -4.91
N ALA C 120 -20.77 -3.13 -5.81
CA ALA C 120 -21.58 -4.32 -5.64
C ALA C 120 -20.89 -5.57 -6.17
N VAL C 121 -21.23 -6.70 -5.56
CA VAL C 121 -20.73 -7.99 -5.98
C VAL C 121 -21.96 -8.70 -6.52
N GLU C 122 -21.93 -9.04 -7.79
CA GLU C 122 -23.07 -9.67 -8.41
C GLU C 122 -22.90 -11.16 -8.68
N PHE C 123 -24.04 -11.83 -8.67
CA PHE C 123 -24.14 -13.25 -8.97
C PHE C 123 -25.18 -13.18 -10.07
N ASP C 124 -24.65 -13.05 -11.28
CA ASP C 124 -25.43 -12.85 -12.50
C ASP C 124 -25.80 -14.14 -13.19
N THR C 125 -27.11 -14.32 -13.42
CA THR C 125 -27.63 -15.53 -14.04
C THR C 125 -28.16 -15.33 -15.47
N PHE C 126 -28.30 -14.08 -15.90
CA PHE C 126 -28.80 -13.82 -17.25
C PHE C 126 -27.76 -13.02 -18.07
N ARG C 127 -27.48 -13.49 -19.28
CA ARG C 127 -26.51 -12.80 -20.11
C ARG C 127 -27.07 -11.61 -20.91
N ASN C 128 -26.83 -10.40 -20.41
CA ASN C 128 -27.27 -9.20 -21.09
C ASN C 128 -26.25 -8.90 -22.20
N THR C 129 -26.47 -7.83 -22.96
CA THR C 129 -25.56 -7.51 -24.05
C THR C 129 -24.15 -7.20 -23.54
N TRP C 130 -24.07 -6.65 -22.33
CA TRP C 130 -22.78 -6.27 -21.73
C TRP C 130 -22.12 -7.38 -20.91
N ASP C 131 -22.75 -8.55 -20.83
CA ASP C 131 -22.24 -9.69 -20.06
C ASP C 131 -21.48 -10.77 -20.81
N PRO C 132 -20.58 -11.46 -20.09
CA PRO C 132 -19.77 -12.57 -20.59
C PRO C 132 -20.65 -13.79 -20.25
N GLN C 133 -20.19 -15.00 -20.54
CA GLN C 133 -20.98 -16.19 -20.26
C GLN C 133 -21.48 -16.22 -18.80
N ILE C 134 -22.71 -16.70 -18.61
CA ILE C 134 -23.29 -16.81 -17.27
C ILE C 134 -23.45 -18.28 -16.88
N PRO C 135 -23.60 -18.56 -15.58
CA PRO C 135 -23.60 -17.56 -14.52
C PRO C 135 -22.15 -17.08 -14.27
N HIS C 136 -22.01 -15.96 -13.59
CA HIS C 136 -20.68 -15.46 -13.27
C HIS C 136 -20.75 -14.52 -12.10
N ILE C 137 -19.64 -14.40 -11.39
CA ILE C 137 -19.52 -13.49 -10.26
C ILE C 137 -18.90 -12.25 -10.90
N GLY C 138 -19.31 -11.08 -10.44
CA GLY C 138 -18.74 -9.86 -10.98
C GLY C 138 -18.58 -8.81 -9.91
N ILE C 139 -17.58 -7.96 -10.08
CA ILE C 139 -17.31 -6.87 -9.16
C ILE C 139 -17.72 -5.63 -9.94
N ASP C 140 -18.73 -4.93 -9.42
CA ASP C 140 -19.28 -3.75 -10.07
C ASP C 140 -19.03 -2.45 -9.33
N VAL C 141 -18.54 -1.44 -10.06
CA VAL C 141 -18.29 -0.14 -9.46
C VAL C 141 -19.04 0.91 -10.26
N ASN C 142 -20.09 1.47 -9.68
CA ASN C 142 -20.92 2.48 -10.34
C ASN C 142 -21.61 2.00 -11.63
N SER C 143 -21.41 0.75 -12.00
CA SER C 143 -22.04 0.25 -13.20
C SER C 143 -22.22 -1.26 -13.12
N VAL C 144 -23.06 -1.81 -13.98
CA VAL C 144 -23.28 -3.26 -13.98
C VAL C 144 -22.37 -3.90 -15.00
N ILE C 145 -21.51 -3.10 -15.62
CA ILE C 145 -20.53 -3.64 -16.57
C ILE C 145 -19.30 -3.88 -15.68
N SER C 146 -19.24 -5.09 -15.13
CA SER C 146 -18.18 -5.51 -14.20
C SER C 146 -16.73 -5.19 -14.59
N THR C 147 -15.93 -4.88 -13.58
CA THR C 147 -14.53 -4.58 -13.79
C THR C 147 -13.81 -5.92 -13.93
N LYS C 148 -14.36 -6.94 -13.26
CA LYS C 148 -13.78 -8.28 -13.28
C LYS C 148 -14.92 -9.28 -13.13
N THR C 149 -14.81 -10.43 -13.81
CA THR C 149 -15.82 -11.49 -13.70
C THR C 149 -15.15 -12.84 -13.71
N VAL C 150 -15.86 -13.83 -13.19
CA VAL C 150 -15.37 -15.20 -13.18
C VAL C 150 -16.62 -16.07 -13.30
N PRO C 151 -16.55 -17.12 -14.15
CA PRO C 151 -17.71 -17.99 -14.31
C PRO C 151 -17.85 -18.99 -13.17
N PHE C 152 -19.08 -19.43 -12.92
CA PHE C 152 -19.31 -20.45 -11.91
C PHE C 152 -20.53 -21.28 -12.31
N THR C 153 -20.62 -22.49 -11.78
CA THR C 153 -21.74 -23.36 -12.08
C THR C 153 -22.64 -23.38 -10.83
N LEU C 154 -23.87 -22.93 -11.01
CA LEU C 154 -24.82 -22.87 -9.92
C LEU C 154 -25.32 -24.24 -9.39
N ASP C 155 -25.48 -24.33 -8.08
CA ASP C 155 -26.02 -25.55 -7.52
C ASP C 155 -27.50 -25.22 -7.42
N ASN C 156 -28.24 -25.58 -8.46
CA ASN C 156 -29.66 -25.27 -8.55
C ASN C 156 -30.43 -25.65 -7.30
N GLY C 157 -30.92 -24.64 -6.58
CA GLY C 157 -31.68 -24.90 -5.37
C GLY C 157 -30.82 -25.21 -4.16
N GLY C 158 -29.52 -25.39 -4.39
CA GLY C 158 -28.61 -25.69 -3.30
C GLY C 158 -28.22 -24.45 -2.53
N ILE C 159 -27.44 -24.64 -1.47
CA ILE C 159 -27.01 -23.51 -0.65
C ILE C 159 -25.59 -23.05 -1.08
N ALA C 160 -25.38 -21.74 -1.04
CA ALA C 160 -24.08 -21.20 -1.39
C ALA C 160 -23.58 -20.32 -0.25
N ASN C 161 -22.30 -20.45 0.06
CA ASN C 161 -21.68 -19.65 1.11
C ASN C 161 -20.75 -18.66 0.45
N VAL C 162 -20.96 -17.39 0.81
CA VAL C 162 -20.17 -16.31 0.26
C VAL C 162 -19.38 -15.56 1.33
N VAL C 163 -18.13 -15.26 1.01
CA VAL C 163 -17.29 -14.49 1.91
C VAL C 163 -16.77 -13.30 1.11
N ILE C 164 -17.09 -12.10 1.58
CA ILE C 164 -16.62 -10.90 0.92
C ILE C 164 -15.77 -10.17 1.94
N LYS C 165 -14.54 -9.87 1.56
CA LYS C 165 -13.61 -9.19 2.45
C LYS C 165 -12.99 -7.97 1.79
N TYR C 166 -12.87 -6.88 2.55
CA TYR C 166 -12.26 -5.68 2.03
C TYR C 166 -11.15 -5.22 2.96
N ASP C 167 -9.94 -5.14 2.41
CA ASP C 167 -8.79 -4.73 3.19
C ASP C 167 -8.40 -3.32 2.73
N ALA C 168 -8.66 -2.34 3.59
CA ALA C 168 -8.36 -0.94 3.30
C ALA C 168 -6.88 -0.66 2.96
N SER C 169 -5.96 -1.31 3.66
CA SER C 169 -4.55 -1.06 3.45
C SER C 169 -4.09 -1.45 2.04
N THR C 170 -4.73 -2.44 1.43
CA THR C 170 -4.33 -2.84 0.08
C THR C 170 -5.37 -2.48 -0.95
N LYS C 171 -6.55 -2.13 -0.48
CA LYS C 171 -7.67 -1.76 -1.34
C LYS C 171 -8.15 -2.96 -2.13
N ILE C 172 -7.87 -4.15 -1.61
CA ILE C 172 -8.31 -5.35 -2.28
C ILE C 172 -9.68 -5.82 -1.79
N LEU C 173 -10.56 -6.09 -2.75
CA LEU C 173 -11.89 -6.61 -2.45
C LEU C 173 -11.82 -8.03 -2.94
N HIS C 174 -11.86 -9.00 -2.03
CA HIS C 174 -11.84 -10.39 -2.46
C HIS C 174 -13.12 -11.10 -2.07
N VAL C 175 -13.61 -11.93 -2.99
CA VAL C 175 -14.84 -12.64 -2.73
C VAL C 175 -14.66 -14.12 -3.04
N VAL C 176 -15.24 -14.93 -2.16
CA VAL C 176 -15.18 -16.37 -2.29
C VAL C 176 -16.60 -16.91 -2.32
N LEU C 177 -16.86 -17.81 -3.26
CA LEU C 177 -18.17 -18.45 -3.39
C LEU C 177 -17.96 -19.95 -3.28
N VAL C 178 -18.66 -20.56 -2.34
CA VAL C 178 -18.55 -22.02 -2.15
C VAL C 178 -19.93 -22.70 -2.13
N PHE C 179 -20.01 -23.83 -2.83
CA PHE C 179 -21.24 -24.63 -2.87
C PHE C 179 -20.86 -25.90 -2.11
N PRO C 180 -21.09 -25.91 -0.78
CA PRO C 180 -20.77 -27.07 0.04
C PRO C 180 -21.19 -28.44 -0.51
N SER C 181 -22.39 -28.53 -1.06
CA SER C 181 -22.86 -29.82 -1.61
C SER C 181 -22.03 -30.32 -2.79
N LEU C 182 -21.46 -29.41 -3.56
CA LEU C 182 -20.66 -29.80 -4.71
C LEU C 182 -19.17 -29.72 -4.39
N GLY C 183 -18.84 -29.02 -3.31
CA GLY C 183 -17.45 -28.88 -2.92
C GLY C 183 -16.68 -27.93 -3.83
N THR C 184 -17.39 -27.22 -4.71
CA THR C 184 -16.72 -26.29 -5.62
C THR C 184 -16.40 -24.94 -4.97
N ILE C 185 -15.30 -24.34 -5.42
CA ILE C 185 -14.82 -23.07 -4.88
C ILE C 185 -14.47 -22.10 -5.99
N TYR C 186 -15.02 -20.89 -5.91
CA TYR C 186 -14.77 -19.86 -6.90
C TYR C 186 -14.25 -18.64 -6.19
N THR C 187 -13.24 -18.01 -6.79
CA THR C 187 -12.64 -16.84 -6.18
C THR C 187 -12.39 -15.74 -7.20
N ILE C 188 -12.58 -14.51 -6.76
CA ILE C 188 -12.36 -13.35 -7.59
C ILE C 188 -11.95 -12.16 -6.71
N ALA C 189 -11.08 -11.31 -7.24
CA ALA C 189 -10.62 -10.16 -6.47
C ALA C 189 -10.30 -8.99 -7.37
N ASP C 190 -10.33 -7.79 -6.82
CA ASP C 190 -9.99 -6.62 -7.59
C ASP C 190 -9.67 -5.47 -6.66
N ILE C 191 -9.09 -4.41 -7.20
CA ILE C 191 -8.73 -3.26 -6.42
C ILE C 191 -9.80 -2.22 -6.56
N VAL C 192 -10.32 -1.78 -5.41
CA VAL C 192 -11.37 -0.79 -5.36
C VAL C 192 -11.08 0.21 -4.27
N ASP C 193 -11.13 1.49 -4.62
CA ASP C 193 -10.86 2.54 -3.65
C ASP C 193 -12.19 3.12 -3.21
N LEU C 194 -12.72 2.61 -2.12
CA LEU C 194 -14.02 3.04 -1.60
C LEU C 194 -14.11 4.55 -1.40
N LYS C 195 -13.04 5.12 -0.85
CA LYS C 195 -12.93 6.54 -0.53
C LYS C 195 -13.17 7.38 -1.77
N GLN C 196 -12.80 6.83 -2.92
CA GLN C 196 -12.92 7.51 -4.19
C GLN C 196 -14.30 7.42 -4.83
N VAL C 197 -15.08 6.38 -4.50
CA VAL C 197 -16.39 6.26 -5.13
C VAL C 197 -17.58 6.47 -4.23
N LEU C 198 -17.41 6.24 -2.93
CA LEU C 198 -18.52 6.37 -2.01
C LEU C 198 -18.36 7.45 -0.94
N PRO C 199 -19.49 7.93 -0.40
CA PRO C 199 -19.50 8.95 0.65
C PRO C 199 -19.10 8.29 1.97
N GLU C 200 -18.83 9.10 3.00
CA GLU C 200 -18.41 8.57 4.29
C GLU C 200 -19.41 7.59 4.91
N SER C 201 -20.71 7.86 4.73
CA SER C 201 -21.74 6.97 5.28
C SER C 201 -22.47 6.28 4.17
N VAL C 202 -22.75 4.99 4.37
CA VAL C 202 -23.45 4.20 3.37
C VAL C 202 -24.44 3.20 3.99
N ASN C 203 -25.15 2.50 3.12
CA ASN C 203 -26.07 1.46 3.51
C ASN C 203 -25.49 0.20 2.85
N VAL C 204 -25.64 -0.94 3.51
CA VAL C 204 -25.17 -2.19 2.94
C VAL C 204 -26.41 -3.07 2.83
N GLY C 205 -26.45 -3.92 1.80
CA GLY C 205 -27.60 -4.80 1.64
C GLY C 205 -27.58 -5.64 0.39
N PHE C 206 -28.74 -6.19 0.06
CA PHE C 206 -28.88 -7.04 -1.12
C PHE C 206 -29.98 -6.52 -2.03
N SER C 207 -29.92 -6.95 -3.29
CA SER C 207 -30.92 -6.54 -4.26
C SER C 207 -30.94 -7.63 -5.32
N ALA C 208 -32.11 -7.88 -5.90
CA ALA C 208 -32.23 -8.91 -6.91
C ALA C 208 -33.39 -8.60 -7.85
N ALA C 209 -33.42 -9.27 -8.99
CA ALA C 209 -34.48 -9.06 -9.95
C ALA C 209 -34.71 -10.29 -10.82
N THR C 210 -35.94 -10.42 -11.30
CA THR C 210 -36.30 -11.53 -12.19
C THR C 210 -36.56 -10.91 -13.56
N GLY C 211 -36.83 -11.76 -14.56
CA GLY C 211 -37.05 -11.27 -15.90
C GLY C 211 -37.91 -10.03 -16.06
N ASP C 212 -37.44 -9.14 -16.92
CA ASP C 212 -38.14 -7.90 -17.23
C ASP C 212 -39.20 -8.22 -18.29
N PRO C 213 -40.40 -7.62 -18.16
CA PRO C 213 -41.48 -7.87 -19.13
C PRO C 213 -41.08 -7.68 -20.59
N SER C 214 -40.21 -6.70 -20.83
CA SER C 214 -39.75 -6.42 -22.19
C SER C 214 -39.13 -7.64 -22.88
N GLY C 215 -38.70 -8.62 -22.08
CA GLY C 215 -38.11 -9.82 -22.64
C GLY C 215 -39.16 -10.77 -23.16
N LYS C 216 -40.41 -10.51 -22.75
CA LYS C 216 -41.56 -11.31 -23.16
C LYS C 216 -41.46 -12.81 -22.83
N GLN C 217 -40.77 -13.12 -21.73
CA GLN C 217 -40.60 -14.51 -21.31
C GLN C 217 -40.91 -14.62 -19.81
N ARG C 218 -42.05 -15.23 -19.49
CA ARG C 218 -42.45 -15.38 -18.09
C ARG C 218 -41.59 -16.38 -17.34
N ASN C 219 -40.87 -17.24 -18.07
CA ASN C 219 -39.99 -18.22 -17.46
C ASN C 219 -38.63 -17.60 -17.07
N ALA C 220 -38.43 -16.34 -17.47
CA ALA C 220 -37.19 -15.67 -17.13
C ALA C 220 -37.30 -15.32 -15.66
N THR C 221 -37.15 -16.32 -14.80
CA THR C 221 -37.26 -16.06 -13.37
C THR C 221 -36.57 -17.16 -12.57
N GLU C 222 -36.45 -16.92 -11.25
CA GLU C 222 -35.80 -17.85 -10.33
C GLU C 222 -35.98 -17.24 -8.96
N THR C 223 -35.56 -17.95 -7.93
CA THR C 223 -35.67 -17.39 -6.58
C THR C 223 -34.34 -16.70 -6.22
N HIS C 224 -34.38 -15.80 -5.26
CA HIS C 224 -33.20 -15.10 -4.80
C HIS C 224 -33.37 -15.00 -3.28
N ASP C 225 -33.04 -16.10 -2.59
CA ASP C 225 -33.18 -16.16 -1.14
C ASP C 225 -31.89 -16.03 -0.35
N ILE C 226 -31.95 -15.22 0.71
CA ILE C 226 -30.82 -15.03 1.59
C ILE C 226 -31.17 -15.78 2.89
N LEU C 227 -30.33 -16.73 3.28
CA LEU C 227 -30.58 -17.55 4.47
C LEU C 227 -29.99 -16.98 5.75
N SER C 228 -28.79 -16.42 5.66
CA SER C 228 -28.13 -15.84 6.83
C SER C 228 -27.21 -14.70 6.39
N TRP C 229 -26.82 -13.84 7.34
CA TRP C 229 -26.00 -12.71 7.00
C TRP C 229 -25.29 -12.09 8.19
N SER C 230 -23.97 -12.00 8.10
CA SER C 230 -23.18 -11.36 9.15
C SER C 230 -22.31 -10.30 8.50
N PHE C 231 -22.08 -9.21 9.21
CA PHE C 231 -21.29 -8.11 8.69
C PHE C 231 -20.43 -7.52 9.80
N SER C 232 -19.21 -7.14 9.45
CA SER C 232 -18.31 -6.55 10.41
C SER C 232 -17.45 -5.49 9.73
N ALA C 233 -17.29 -4.34 10.37
CA ALA C 233 -16.48 -3.28 9.81
C ALA C 233 -15.65 -2.56 10.89
N SER C 234 -14.42 -2.17 10.55
CA SER C 234 -13.56 -1.47 11.49
C SER C 234 -12.99 -0.21 10.86
N LEU C 235 -13.26 0.93 11.48
CA LEU C 235 -12.76 2.21 10.99
C LEU C 235 -11.77 2.73 12.01
N PRO C 236 -10.46 2.44 11.84
CA PRO C 236 -9.44 2.89 12.79
C PRO C 236 -9.46 4.41 12.99
N GLY C 237 -9.69 5.12 11.90
CA GLY C 237 -9.75 6.58 11.95
C GLY C 237 -10.95 7.14 12.70
N LYS D 1 1.41 -18.87 -24.54
CA LYS D 1 1.77 -20.23 -24.04
C LYS D 1 1.06 -20.53 -22.71
N THR D 2 0.52 -21.74 -22.61
CA THR D 2 -0.20 -22.15 -21.39
C THR D 2 0.18 -23.54 -20.90
N ILE D 3 0.94 -23.57 -19.81
CA ILE D 3 1.35 -24.82 -19.20
C ILE D 3 0.32 -25.22 -18.13
N SER D 4 0.14 -26.52 -17.94
CA SER D 4 -0.79 -27.00 -16.92
C SER D 4 -0.60 -28.49 -16.67
N PHE D 5 -0.75 -28.89 -15.42
CA PHE D 5 -0.61 -30.28 -15.04
C PHE D 5 -1.56 -30.59 -13.90
N ASN D 6 -1.69 -31.86 -13.55
CA ASN D 6 -2.60 -32.26 -12.50
C ASN D 6 -2.19 -33.58 -11.84
N PHE D 7 -2.49 -33.73 -10.55
CA PHE D 7 -2.16 -34.93 -9.79
C PHE D 7 -3.35 -35.23 -8.89
N ASN D 8 -4.18 -36.21 -9.24
CA ASN D 8 -5.32 -36.55 -8.40
C ASN D 8 -4.80 -37.40 -7.26
N GLN D 9 -3.63 -37.99 -7.51
CA GLN D 9 -2.96 -38.85 -6.56
C GLN D 9 -1.49 -38.83 -6.94
N PHE D 10 -0.63 -39.29 -6.03
CA PHE D 10 0.80 -39.29 -6.32
C PHE D 10 1.31 -40.70 -6.52
N HIS D 11 1.79 -40.98 -7.73
CA HIS D 11 2.28 -42.32 -8.05
C HIS D 11 3.77 -42.53 -7.82
N GLN D 12 4.10 -43.78 -7.50
CA GLN D 12 5.47 -44.24 -7.24
C GLN D 12 6.34 -43.94 -8.45
N ASN D 13 7.50 -43.33 -8.20
CA ASN D 13 8.42 -43.02 -9.28
C ASN D 13 7.88 -41.92 -10.19
N GLU D 14 6.98 -41.08 -9.66
CA GLU D 14 6.43 -40.00 -10.47
C GLU D 14 7.58 -39.19 -11.05
N GLU D 15 7.76 -39.29 -12.36
CA GLU D 15 8.85 -38.58 -13.05
C GLU D 15 8.66 -37.06 -13.04
N GLN D 16 7.40 -36.63 -13.04
CA GLN D 16 7.06 -35.22 -13.04
C GLN D 16 7.51 -34.46 -11.79
N LEU D 17 7.83 -35.18 -10.72
CA LEU D 17 8.24 -34.53 -9.49
C LEU D 17 9.69 -34.71 -9.12
N LYS D 18 10.20 -33.74 -8.37
CA LYS D 18 11.57 -33.77 -7.86
C LYS D 18 11.35 -33.78 -6.36
N LEU D 19 11.72 -34.86 -5.70
CA LEU D 19 11.56 -34.94 -4.25
C LEU D 19 12.90 -34.64 -3.64
N GLN D 20 12.91 -33.83 -2.59
CA GLN D 20 14.15 -33.46 -1.93
C GLN D 20 14.08 -33.77 -0.45
N ARG D 21 15.23 -34.12 0.13
CA ARG D 21 15.36 -34.45 1.53
C ARG D 21 14.39 -35.56 1.94
N ASP D 22 13.63 -35.35 3.02
CA ASP D 22 12.70 -36.35 3.51
C ASP D 22 11.44 -36.59 2.71
N ALA D 23 11.16 -35.76 1.72
CA ALA D 23 9.93 -35.94 0.94
C ALA D 23 9.84 -37.35 0.33
N ARG D 24 8.70 -37.99 0.55
CA ARG D 24 8.48 -39.34 0.08
C ARG D 24 7.00 -39.53 -0.28
N ILE D 25 6.73 -40.38 -1.26
CA ILE D 25 5.37 -40.72 -1.69
C ILE D 25 5.04 -42.06 -1.07
N SER D 26 3.94 -42.12 -0.32
CA SER D 26 3.54 -43.35 0.34
C SER D 26 2.89 -44.32 -0.65
N SER D 27 2.83 -45.58 -0.25
CA SER D 27 2.25 -46.62 -1.09
C SER D 27 0.78 -46.36 -1.38
N ASN D 28 0.10 -45.66 -0.48
CA ASN D 28 -1.31 -45.38 -0.71
C ASN D 28 -1.56 -44.04 -1.43
N SER D 29 -0.56 -43.60 -2.19
CA SER D 29 -0.70 -42.39 -2.98
C SER D 29 -0.56 -40.96 -2.46
N VAL D 30 -0.19 -40.77 -1.19
CA VAL D 30 -0.06 -39.39 -0.70
C VAL D 30 1.38 -38.91 -0.67
N LEU D 31 1.56 -37.61 -0.84
CA LEU D 31 2.87 -36.98 -0.83
C LEU D 31 3.17 -36.52 0.58
N GLU D 32 4.03 -37.25 1.26
CA GLU D 32 4.41 -36.92 2.62
C GLU D 32 5.69 -36.08 2.58
N LEU D 33 5.53 -34.78 2.79
CA LEU D 33 6.66 -33.86 2.75
C LEU D 33 7.64 -34.14 3.85
N THR D 34 7.12 -34.41 5.04
CA THR D 34 8.00 -34.70 6.17
C THR D 34 7.91 -36.14 6.68
N LYS D 35 9.00 -36.57 7.32
CA LYS D 35 9.16 -37.93 7.83
C LYS D 35 8.09 -38.45 8.78
N VAL D 36 7.55 -39.60 8.45
CA VAL D 36 6.56 -40.24 9.30
C VAL D 36 6.95 -41.73 9.34
N VAL D 37 7.35 -42.22 10.51
CA VAL D 37 7.75 -43.62 10.68
C VAL D 37 6.72 -44.40 11.46
N ASN D 38 6.23 -45.48 10.85
CA ASN D 38 5.24 -46.34 11.49
C ASN D 38 4.04 -45.52 11.93
N GLY D 39 3.55 -44.67 11.03
CA GLY D 39 2.39 -43.83 11.32
C GLY D 39 2.61 -42.69 12.30
N VAL D 40 3.86 -42.44 12.66
CA VAL D 40 4.16 -41.36 13.60
C VAL D 40 5.13 -40.35 13.01
N PRO D 41 4.75 -39.07 13.03
CA PRO D 41 5.64 -38.04 12.46
C PRO D 41 6.80 -37.79 13.43
N THR D 42 7.98 -37.59 12.89
CA THR D 42 9.16 -37.34 13.71
C THR D 42 9.58 -35.89 13.61
N TRP D 43 10.43 -35.45 14.54
CA TRP D 43 10.91 -34.08 14.53
C TRP D 43 12.14 -34.03 13.64
N ASN D 44 12.78 -32.88 13.56
CA ASN D 44 14.01 -32.74 12.78
C ASN D 44 13.86 -33.23 11.33
N SER D 45 12.70 -32.98 10.75
CA SER D 45 12.45 -33.39 9.37
C SER D 45 12.14 -32.22 8.43
N THR D 46 12.68 -32.29 7.23
CA THR D 46 12.49 -31.26 6.21
C THR D 46 12.42 -31.92 4.84
N GLY D 47 11.46 -31.50 4.02
CA GLY D 47 11.30 -32.08 2.70
C GLY D 47 10.58 -31.16 1.73
N ARG D 48 10.87 -31.31 0.44
CA ARG D 48 10.25 -30.48 -0.58
C ARG D 48 9.91 -31.36 -1.77
N ALA D 49 9.01 -30.86 -2.62
CA ALA D 49 8.59 -31.56 -3.82
C ALA D 49 8.37 -30.47 -4.86
N LEU D 50 9.13 -30.55 -5.95
CA LEU D 50 9.06 -29.57 -7.02
C LEU D 50 8.53 -30.21 -8.28
N TYR D 51 7.85 -29.42 -9.10
CA TYR D 51 7.37 -29.93 -10.38
C TYR D 51 8.69 -30.01 -11.16
N ALA D 52 8.94 -31.14 -11.82
CA ALA D 52 10.19 -31.36 -12.57
C ALA D 52 10.58 -30.34 -13.61
N LYS D 53 9.60 -29.75 -14.29
CA LYS D 53 9.91 -28.78 -15.34
C LYS D 53 9.70 -27.34 -14.91
N PRO D 54 10.57 -26.44 -15.38
CA PRO D 54 10.46 -25.02 -15.03
C PRO D 54 9.27 -24.37 -15.75
N VAL D 55 8.69 -23.35 -15.13
CA VAL D 55 7.58 -22.64 -15.74
C VAL D 55 8.00 -21.19 -15.94
N GLN D 56 7.57 -20.57 -17.03
CA GLN D 56 7.92 -19.20 -17.30
C GLN D 56 6.84 -18.29 -16.71
N VAL D 57 7.19 -17.48 -15.72
CA VAL D 57 6.21 -16.59 -15.12
C VAL D 57 6.19 -15.24 -15.78
N TRP D 58 7.25 -14.89 -16.49
CA TRP D 58 7.27 -13.64 -17.23
C TRP D 58 8.30 -13.68 -18.35
N ASP D 59 8.11 -12.81 -19.35
CA ASP D 59 8.99 -12.76 -20.50
C ASP D 59 9.64 -11.40 -20.68
N SER D 60 10.97 -11.41 -20.63
CA SER D 60 11.76 -10.21 -20.76
C SER D 60 11.51 -9.54 -22.12
N THR D 61 11.32 -10.35 -23.16
CA THR D 61 11.08 -9.82 -24.49
C THR D 61 9.84 -8.95 -24.60
N THR D 62 8.71 -9.46 -24.09
CA THR D 62 7.44 -8.74 -24.14
C THR D 62 7.16 -7.92 -22.87
N GLY D 63 7.75 -8.35 -21.76
CA GLY D 63 7.53 -7.66 -20.50
C GLY D 63 6.28 -8.19 -19.80
N ASN D 64 5.59 -9.14 -20.44
CA ASN D 64 4.38 -9.74 -19.89
C ASN D 64 4.64 -10.72 -18.74
N VAL D 65 3.70 -10.74 -17.81
CA VAL D 65 3.76 -11.60 -16.66
C VAL D 65 2.61 -12.61 -16.76
N ALA D 66 2.87 -13.83 -16.31
CA ALA D 66 1.85 -14.87 -16.36
C ALA D 66 0.87 -14.76 -15.23
N SER D 67 -0.32 -15.31 -15.45
CA SER D 67 -1.38 -15.39 -14.44
C SER D 67 -1.42 -16.87 -14.17
N PHE D 68 -1.75 -17.27 -12.97
CA PHE D 68 -1.83 -18.69 -12.70
C PHE D 68 -2.83 -19.04 -11.60
N GLU D 69 -3.16 -20.32 -11.53
CA GLU D 69 -4.09 -20.79 -10.54
C GLU D 69 -3.60 -22.17 -10.13
N THR D 70 -3.59 -22.43 -8.84
CA THR D 70 -3.18 -23.73 -8.37
C THR D 70 -4.14 -24.13 -7.26
N ARG D 71 -4.50 -25.42 -7.25
CA ARG D 71 -5.42 -25.92 -6.25
C ARG D 71 -4.80 -27.18 -5.69
N PHE D 72 -4.94 -27.37 -4.39
CA PHE D 72 -4.43 -28.59 -3.78
C PHE D 72 -5.10 -28.88 -2.47
N SER D 73 -4.97 -30.12 -2.04
CA SER D 73 -5.55 -30.56 -0.79
C SER D 73 -4.41 -31.07 0.05
N PHE D 74 -4.45 -30.77 1.34
CA PHE D 74 -3.41 -31.24 2.23
C PHE D 74 -4.06 -31.67 3.51
N SER D 75 -3.27 -32.29 4.37
CA SER D 75 -3.76 -32.72 5.65
C SER D 75 -2.63 -32.63 6.66
N ILE D 76 -2.94 -32.07 7.80
CA ILE D 76 -1.96 -31.94 8.85
C ILE D 76 -2.55 -32.59 10.07
N ARG D 77 -1.92 -33.69 10.49
CA ARG D 77 -2.38 -34.40 11.67
C ARG D 77 -1.40 -34.13 12.79
N GLN D 78 -1.94 -33.66 13.91
CA GLN D 78 -1.13 -33.35 15.08
C GLN D 78 -1.40 -34.38 16.18
N PRO D 79 -0.61 -35.47 16.19
CA PRO D 79 -0.69 -36.59 17.15
C PRO D 79 -0.50 -36.15 18.58
N PHE D 80 0.43 -35.21 18.78
CA PHE D 80 0.76 -34.71 20.11
C PHE D 80 0.32 -33.25 20.26
N PRO D 81 -0.75 -33.02 21.03
CA PRO D 81 -1.25 -31.66 21.26
C PRO D 81 -0.30 -30.83 22.11
N ARG D 82 0.47 -31.50 22.96
CA ARG D 82 1.42 -30.83 23.86
C ARG D 82 2.86 -31.24 23.57
N PRO D 83 3.80 -30.29 23.68
CA PRO D 83 3.65 -28.88 24.05
C PRO D 83 3.30 -27.98 22.86
N HIS D 84 3.68 -28.38 21.66
CA HIS D 84 3.40 -27.56 20.49
C HIS D 84 3.79 -28.22 19.16
N PRO D 85 2.81 -28.38 18.26
CA PRO D 85 3.08 -28.99 16.94
C PRO D 85 3.95 -28.03 16.14
N ALA D 86 4.69 -28.55 15.16
CA ALA D 86 5.56 -27.70 14.35
C ALA D 86 5.92 -28.44 13.06
N ASP D 87 6.26 -27.72 11.98
CA ASP D 87 6.30 -26.25 11.93
C ASP D 87 5.27 -25.69 10.93
N GLY D 88 4.89 -26.50 9.93
CA GLY D 88 3.94 -26.08 8.94
C GLY D 88 4.43 -26.37 7.54
N LEU D 89 3.66 -25.97 6.53
CA LEU D 89 4.04 -26.21 5.15
C LEU D 89 3.75 -25.00 4.29
N VAL D 90 4.41 -24.93 3.14
CA VAL D 90 4.21 -23.83 2.22
C VAL D 90 4.17 -24.30 0.77
N PHE D 91 3.57 -23.44 -0.05
CA PHE D 91 3.52 -23.62 -1.49
C PHE D 91 4.47 -22.49 -1.87
N PHE D 92 5.47 -22.76 -2.68
CA PHE D 92 6.36 -21.69 -3.04
C PHE D 92 6.78 -21.63 -4.49
N ILE D 93 7.33 -20.49 -4.87
CA ILE D 93 7.84 -20.24 -6.22
C ILE D 93 9.25 -19.69 -5.97
N ALA D 94 10.22 -20.28 -6.64
CA ALA D 94 11.61 -19.86 -6.47
C ALA D 94 12.44 -20.08 -7.74
N PRO D 95 13.67 -19.57 -7.75
CA PRO D 95 14.51 -19.76 -8.96
C PRO D 95 14.72 -21.26 -9.12
N PRO D 96 15.03 -21.70 -10.33
CA PRO D 96 15.25 -23.15 -10.51
C PRO D 96 16.60 -23.60 -9.94
N ASN D 97 16.72 -24.90 -9.64
CA ASN D 97 17.98 -25.45 -9.13
C ASN D 97 18.47 -24.92 -7.77
N THR D 98 17.55 -24.65 -6.84
CA THR D 98 17.94 -24.21 -5.50
C THR D 98 17.81 -25.41 -4.56
N GLN D 99 18.64 -25.44 -3.52
CA GLN D 99 18.60 -26.54 -2.56
C GLN D 99 17.75 -26.19 -1.33
N THR D 100 17.32 -27.22 -0.62
CA THR D 100 16.50 -27.06 0.58
C THR D 100 17.15 -26.08 1.57
N GLY D 101 16.38 -25.11 2.05
CA GLY D 101 16.91 -24.14 3.00
C GLY D 101 16.92 -24.70 4.40
N GLU D 102 16.93 -23.80 5.37
CA GLU D 102 16.94 -24.15 6.79
C GLU D 102 15.57 -24.75 7.16
N GLY D 103 15.58 -25.67 8.10
CA GLY D 103 14.33 -26.28 8.54
C GLY D 103 13.59 -25.45 9.59
N GLY D 104 12.87 -26.13 10.47
CA GLY D 104 12.13 -25.44 11.50
C GLY D 104 11.17 -24.38 10.96
N GLY D 105 11.15 -23.22 11.62
CA GLY D 105 10.26 -22.15 11.24
C GLY D 105 10.54 -21.56 9.87
N TYR D 106 11.60 -22.04 9.22
CA TYR D 106 11.95 -21.56 7.89
C TYR D 106 11.40 -22.49 6.80
N PHE D 107 10.69 -23.54 7.24
CA PHE D 107 10.04 -24.49 6.35
C PHE D 107 10.90 -25.14 5.27
N GLY D 108 12.20 -24.89 5.30
CA GLY D 108 13.05 -25.46 4.29
C GLY D 108 13.15 -24.63 3.00
N ILE D 109 12.64 -23.40 3.00
CA ILE D 109 12.70 -22.55 1.81
C ILE D 109 13.58 -21.33 1.99
N TYR D 110 13.96 -21.04 3.23
CA TYR D 110 14.80 -19.88 3.51
C TYR D 110 16.18 -20.25 4.02
N ASN D 111 17.20 -19.65 3.45
CA ASN D 111 18.55 -19.92 3.91
C ASN D 111 19.16 -18.61 4.35
N PRO D 112 19.23 -18.37 5.67
CA PRO D 112 19.78 -17.14 6.26
C PRO D 112 21.15 -16.73 5.71
N LEU D 113 22.01 -17.70 5.44
CA LEU D 113 23.32 -17.34 4.94
C LEU D 113 23.34 -17.08 3.44
N SER D 114 22.88 -18.03 2.63
CA SER D 114 22.85 -17.87 1.17
C SER D 114 21.40 -17.83 0.68
N PRO D 115 20.73 -16.69 0.84
CA PRO D 115 19.33 -16.42 0.47
C PRO D 115 19.01 -16.25 -1.01
N TYR D 116 17.96 -16.92 -1.46
CA TYR D 116 17.49 -16.78 -2.83
C TYR D 116 16.05 -16.24 -2.73
N PRO D 117 15.60 -15.47 -3.73
CA PRO D 117 14.24 -14.92 -3.67
C PRO D 117 13.17 -16.00 -3.77
N PHE D 118 11.99 -15.68 -3.23
CA PHE D 118 10.89 -16.62 -3.26
C PHE D 118 9.58 -15.97 -2.85
N VAL D 119 8.48 -16.54 -3.35
CA VAL D 119 7.14 -16.07 -3.00
C VAL D 119 6.54 -17.35 -2.48
N ALA D 120 5.94 -17.30 -1.29
CA ALA D 120 5.35 -18.49 -0.70
C ALA D 120 4.08 -18.20 0.09
N VAL D 121 3.23 -19.21 0.16
CA VAL D 121 2.01 -19.12 0.93
C VAL D 121 2.22 -20.16 2.03
N GLU D 122 2.23 -19.70 3.26
CA GLU D 122 2.47 -20.61 4.36
C GLU D 122 1.23 -20.92 5.17
N PHE D 123 1.27 -22.11 5.76
CA PHE D 123 0.24 -22.61 6.66
C PHE D 123 1.13 -22.93 7.85
N ASP D 124 1.28 -21.92 8.71
CA ASP D 124 2.14 -21.93 9.88
C ASP D 124 1.45 -22.46 11.15
N THR D 125 2.07 -23.45 11.75
CA THR D 125 1.51 -24.10 12.95
C THR D 125 2.30 -23.84 14.24
N PHE D 126 3.50 -23.27 14.14
CA PHE D 126 4.32 -22.95 15.31
C PHE D 126 4.62 -21.45 15.42
N ARG D 127 4.38 -20.87 16.58
CA ARG D 127 4.61 -19.44 16.74
C ARG D 127 6.05 -19.08 17.07
N ASN D 128 6.78 -18.61 16.06
CA ASN D 128 8.16 -18.18 16.23
C ASN D 128 8.12 -16.73 16.79
N THR D 129 9.27 -16.15 17.05
CA THR D 129 9.32 -14.81 17.59
C THR D 129 8.73 -13.77 16.63
N TRP D 130 8.82 -14.01 15.34
CA TRP D 130 8.31 -13.09 14.34
C TRP D 130 6.84 -13.36 13.95
N ASP D 131 6.22 -14.36 14.56
CA ASP D 131 4.84 -14.75 14.25
C ASP D 131 3.73 -14.24 15.14
N PRO D 132 2.52 -14.11 14.55
CA PRO D 132 1.32 -13.68 15.27
C PRO D 132 0.75 -15.02 15.75
N GLN D 133 -0.39 -15.02 16.41
CA GLN D 133 -0.97 -16.27 16.90
C GLN D 133 -1.07 -17.33 15.78
N ILE D 134 -0.84 -18.60 16.13
CA ILE D 134 -0.95 -19.68 15.16
C ILE D 134 -2.16 -20.55 15.49
N PRO D 135 -2.65 -21.34 14.52
CA PRO D 135 -2.12 -21.41 13.15
C PRO D 135 -2.54 -20.16 12.39
N HIS D 136 -1.86 -19.89 11.27
CA HIS D 136 -2.23 -18.77 10.44
C HIS D 136 -1.73 -19.00 9.03
N ILE D 137 -2.39 -18.33 8.08
CA ILE D 137 -2.00 -18.38 6.68
C ILE D 137 -1.16 -17.14 6.52
N GLY D 138 -0.14 -17.22 5.68
CA GLY D 138 0.70 -16.04 5.49
C GLY D 138 1.21 -15.95 4.08
N ILE D 139 1.44 -14.73 3.63
CA ILE D 139 1.96 -14.50 2.29
C ILE D 139 3.39 -14.07 2.55
N ASP D 140 4.34 -14.82 2.02
CA ASP D 140 5.76 -14.54 2.21
C ASP D 140 6.50 -14.15 0.94
N VAL D 141 7.26 -13.07 1.00
CA VAL D 141 8.02 -12.61 -0.15
C VAL D 141 9.48 -12.46 0.29
N ASN D 142 10.32 -13.37 -0.16
CA ASN D 142 11.75 -13.37 0.18
C ASN D 142 12.06 -13.56 1.65
N SER D 143 11.05 -13.76 2.46
CA SER D 143 11.27 -13.90 3.89
C SER D 143 10.11 -14.65 4.52
N VAL D 144 10.31 -15.16 5.73
CA VAL D 144 9.23 -15.87 6.39
C VAL D 144 8.50 -14.92 7.34
N ILE D 145 8.85 -13.65 7.28
CA ILE D 145 8.16 -12.66 8.09
C ILE D 145 7.09 -12.13 7.12
N SER D 146 5.93 -12.79 7.13
CA SER D 146 4.79 -12.50 6.25
C SER D 146 4.41 -11.05 6.07
N THR D 147 3.95 -10.73 4.87
CA THR D 147 3.52 -9.37 4.57
C THR D 147 2.11 -9.23 5.08
N LYS D 148 1.40 -10.36 5.09
CA LYS D 148 0.01 -10.41 5.54
C LYS D 148 -0.26 -11.78 6.13
N THR D 149 -1.06 -11.82 7.19
CA THR D 149 -1.43 -13.09 7.82
C THR D 149 -2.89 -13.07 8.26
N VAL D 150 -3.45 -14.26 8.44
CA VAL D 150 -4.81 -14.40 8.89
C VAL D 150 -4.86 -15.69 9.68
N PRO D 151 -5.50 -15.67 10.85
CA PRO D 151 -5.58 -16.89 11.66
C PRO D 151 -6.64 -17.87 11.15
N PHE D 152 -6.42 -19.15 11.44
CA PHE D 152 -7.37 -20.17 11.07
C PHE D 152 -7.30 -21.30 12.09
N THR D 153 -8.40 -22.06 12.19
CA THR D 153 -8.44 -23.18 13.11
C THR D 153 -8.30 -24.44 12.29
N LEU D 154 -7.26 -25.22 12.58
CA LEU D 154 -6.98 -26.45 11.85
C LEU D 154 -7.96 -27.59 12.11
N ASP D 155 -8.33 -28.32 11.06
CA ASP D 155 -9.17 -29.49 11.24
C ASP D 155 -8.14 -30.62 11.38
N ASN D 156 -7.77 -30.91 12.64
CA ASN D 156 -6.76 -31.91 12.94
C ASN D 156 -6.99 -33.24 12.23
N GLY D 157 -6.10 -33.55 11.28
CA GLY D 157 -6.22 -34.80 10.54
C GLY D 157 -7.22 -34.73 9.42
N GLY D 158 -8.01 -33.66 9.36
CA GLY D 158 -8.99 -33.50 8.31
C GLY D 158 -8.37 -33.04 7.00
N ILE D 159 -9.18 -32.94 5.97
CA ILE D 159 -8.70 -32.50 4.66
C ILE D 159 -8.95 -31.00 4.47
N ALA D 160 -8.00 -30.34 3.82
CA ALA D 160 -8.14 -28.90 3.55
C ALA D 160 -8.00 -28.67 2.06
N ASN D 161 -8.85 -27.80 1.52
CA ASN D 161 -8.79 -27.46 0.11
C ASN D 161 -8.28 -26.04 0.02
N VAL D 162 -7.26 -25.87 -0.81
CA VAL D 162 -6.67 -24.56 -0.99
C VAL D 162 -6.75 -24.12 -2.43
N VAL D 163 -7.06 -22.83 -2.61
CA VAL D 163 -7.10 -22.25 -3.93
C VAL D 163 -6.19 -21.03 -3.92
N ILE D 164 -5.17 -21.02 -4.77
CA ILE D 164 -4.28 -19.89 -4.84
C ILE D 164 -4.40 -19.38 -6.27
N LYS D 165 -4.65 -18.09 -6.39
CA LYS D 165 -4.83 -17.47 -7.69
C LYS D 165 -4.01 -16.18 -7.80
N TYR D 166 -3.37 -16.00 -8.96
CA TYR D 166 -2.57 -14.82 -9.20
C TYR D 166 -3.00 -14.16 -10.48
N ASP D 167 -3.45 -12.91 -10.36
CA ASP D 167 -3.90 -12.13 -11.50
C ASP D 167 -2.83 -11.09 -11.83
N ALA D 168 -2.13 -11.30 -12.94
CA ALA D 168 -1.07 -10.41 -13.35
C ALA D 168 -1.52 -8.95 -13.58
N SER D 169 -2.70 -8.76 -14.14
CA SER D 169 -3.19 -7.41 -14.41
C SER D 169 -3.37 -6.57 -13.14
N THR D 170 -3.72 -7.20 -12.02
CA THR D 170 -3.91 -6.44 -10.79
C THR D 170 -2.80 -6.71 -9.77
N LYS D 171 -1.99 -7.74 -10.05
CA LYS D 171 -0.90 -8.12 -9.17
C LYS D 171 -1.42 -8.65 -7.85
N ILE D 172 -2.67 -9.10 -7.84
CA ILE D 172 -3.27 -9.63 -6.63
C ILE D 172 -3.03 -11.13 -6.50
N LEU D 173 -2.57 -11.54 -5.33
CA LEU D 173 -2.38 -12.94 -5.04
C LEU D 173 -3.44 -13.20 -3.98
N HIS D 174 -4.45 -14.00 -4.33
CA HIS D 174 -5.48 -14.35 -3.37
C HIS D 174 -5.48 -15.84 -3.06
N VAL D 175 -5.66 -16.15 -1.78
CA VAL D 175 -5.66 -17.54 -1.38
C VAL D 175 -6.87 -17.82 -0.52
N VAL D 176 -7.49 -18.98 -0.78
CA VAL D 176 -8.66 -19.42 -0.05
C VAL D 176 -8.33 -20.76 0.56
N LEU D 177 -8.69 -20.92 1.82
CA LEU D 177 -8.48 -22.17 2.56
C LEU D 177 -9.86 -22.63 3.07
N VAL D 178 -10.25 -23.86 2.71
CA VAL D 178 -11.52 -24.39 3.15
C VAL D 178 -11.36 -25.78 3.78
N PHE D 179 -12.06 -25.98 4.89
CA PHE D 179 -12.07 -27.27 5.59
C PHE D 179 -13.49 -27.79 5.39
N PRO D 180 -13.73 -28.57 4.31
CA PRO D 180 -15.07 -29.12 4.02
C PRO D 180 -15.81 -29.75 5.18
N SER D 181 -15.13 -30.53 6.02
CA SER D 181 -15.77 -31.15 7.18
C SER D 181 -16.30 -30.16 8.21
N LEU D 182 -15.67 -28.99 8.30
CA LEU D 182 -16.10 -28.00 9.27
C LEU D 182 -16.92 -26.90 8.59
N GLY D 183 -16.79 -26.83 7.27
CA GLY D 183 -17.50 -25.79 6.53
C GLY D 183 -16.91 -24.40 6.71
N THR D 184 -15.72 -24.32 7.31
CA THR D 184 -15.07 -23.03 7.53
C THR D 184 -14.31 -22.54 6.29
N ILE D 185 -14.28 -21.23 6.12
CA ILE D 185 -13.63 -20.61 4.97
C ILE D 185 -12.73 -19.46 5.43
N TYR D 186 -11.49 -19.48 4.97
CA TYR D 186 -10.52 -18.45 5.31
C TYR D 186 -9.98 -17.86 4.03
N THR D 187 -9.88 -16.54 4.00
CA THR D 187 -9.40 -15.86 2.81
C THR D 187 -8.36 -14.78 3.14
N ILE D 188 -7.36 -14.65 2.27
CA ILE D 188 -6.31 -13.67 2.45
C ILE D 188 -5.80 -13.26 1.06
N ALA D 189 -5.37 -12.00 0.94
CA ALA D 189 -4.89 -11.52 -0.34
C ALA D 189 -3.89 -10.42 -0.13
N ASP D 190 -3.01 -10.23 -1.10
CA ASP D 190 -2.05 -9.15 -1.03
C ASP D 190 -1.52 -8.86 -2.42
N ILE D 191 -0.84 -7.73 -2.56
CA ILE D 191 -0.27 -7.34 -3.85
C ILE D 191 1.17 -7.77 -3.94
N VAL D 192 1.50 -8.52 -4.97
CA VAL D 192 2.84 -9.02 -5.17
C VAL D 192 3.23 -8.85 -6.63
N ASP D 193 4.37 -8.23 -6.87
CA ASP D 193 4.85 -8.04 -8.24
C ASP D 193 5.90 -9.11 -8.52
N LEU D 194 5.47 -10.22 -9.09
CA LEU D 194 6.38 -11.34 -9.40
C LEU D 194 7.61 -10.94 -10.21
N LYS D 195 7.37 -10.10 -11.22
CA LYS D 195 8.39 -9.59 -12.13
C LYS D 195 9.53 -8.90 -11.36
N GLN D 196 9.19 -8.32 -10.22
CA GLN D 196 10.13 -7.58 -9.40
C GLN D 196 10.95 -8.47 -8.46
N VAL D 197 10.41 -9.64 -8.09
CA VAL D 197 11.15 -10.47 -7.15
C VAL D 197 11.71 -11.76 -7.71
N LEU D 198 11.09 -12.29 -8.77
CA LEU D 198 11.52 -13.54 -9.35
C LEU D 198 12.06 -13.46 -10.76
N PRO D 199 12.90 -14.43 -11.14
CA PRO D 199 13.48 -14.50 -12.48
C PRO D 199 12.41 -15.00 -13.46
N GLU D 200 12.67 -14.93 -14.77
CA GLU D 200 11.69 -15.37 -15.76
C GLU D 200 11.26 -16.81 -15.62
N SER D 201 12.19 -17.69 -15.25
CA SER D 201 11.84 -19.10 -15.06
C SER D 201 11.95 -19.50 -13.61
N VAL D 202 11.00 -20.31 -13.15
CA VAL D 202 10.99 -20.74 -11.76
C VAL D 202 10.53 -22.18 -11.63
N ASN D 203 10.55 -22.65 -10.39
CA ASN D 203 10.07 -23.98 -10.02
C ASN D 203 8.92 -23.71 -9.05
N VAL D 204 7.91 -24.56 -9.08
CA VAL D 204 6.79 -24.40 -8.18
C VAL D 204 6.74 -25.69 -7.38
N GLY D 205 6.32 -25.59 -6.11
CA GLY D 205 6.24 -26.78 -5.31
C GLY D 205 5.85 -26.54 -3.85
N PHE D 206 6.09 -27.56 -3.01
CA PHE D 206 5.79 -27.51 -1.59
C PHE D 206 7.02 -27.80 -0.77
N SER D 207 6.97 -27.37 0.49
CA SER D 207 8.07 -27.60 1.42
C SER D 207 7.46 -27.57 2.81
N ALA D 208 7.98 -28.40 3.71
CA ALA D 208 7.47 -28.46 5.06
C ALA D 208 8.56 -28.86 6.02
N ALA D 209 8.32 -28.67 7.31
CA ALA D 209 9.30 -29.01 8.32
C ALA D 209 8.65 -29.28 9.66
N THR D 210 9.28 -30.14 10.46
CA THR D 210 8.80 -30.46 11.80
C THR D 210 9.80 -29.84 12.79
N GLY D 211 9.51 -29.95 14.07
CA GLY D 211 10.37 -29.37 15.08
C GLY D 211 11.87 -29.51 14.92
N ASP D 212 12.57 -28.40 15.12
CA ASP D 212 14.02 -28.35 15.04
C ASP D 212 14.59 -28.88 16.37
N PRO D 213 15.66 -29.67 16.30
CA PRO D 213 16.28 -30.24 17.52
C PRO D 213 16.61 -29.19 18.59
N SER D 214 16.98 -27.99 18.16
CA SER D 214 17.33 -26.92 19.09
C SER D 214 16.18 -26.57 20.04
N GLY D 215 14.95 -26.97 19.68
CA GLY D 215 13.81 -26.72 20.53
C GLY D 215 13.73 -27.73 21.67
N LYS D 216 14.48 -28.83 21.52
CA LYS D 216 14.54 -29.88 22.52
C LYS D 216 13.20 -30.52 22.85
N GLN D 217 12.30 -30.55 21.88
CA GLN D 217 10.98 -31.14 22.06
C GLN D 217 10.67 -32.08 20.90
N ARG D 218 10.68 -33.37 21.18
CA ARG D 218 10.41 -34.37 20.14
C ARG D 218 8.96 -34.39 19.72
N ASN D 219 8.07 -33.78 20.51
CA ASN D 219 6.65 -33.73 20.19
C ASN D 219 6.36 -32.59 19.25
N ALA D 220 7.36 -31.76 18.99
CA ALA D 220 7.18 -30.62 18.08
C ALA D 220 7.13 -31.20 16.68
N THR D 221 6.01 -31.82 16.32
CA THR D 221 5.91 -32.44 15.02
C THR D 221 4.47 -32.67 14.63
N GLU D 222 4.28 -33.02 13.36
CA GLU D 222 2.95 -33.28 12.80
C GLU D 222 3.19 -33.80 11.38
N THR D 223 2.13 -34.19 10.69
CA THR D 223 2.29 -34.65 9.33
C THR D 223 2.05 -33.44 8.39
N HIS D 224 2.58 -33.53 7.17
CA HIS D 224 2.40 -32.50 6.19
C HIS D 224 2.18 -33.25 4.87
N ASP D 225 0.95 -33.72 4.65
CA ASP D 225 0.62 -34.49 3.47
C ASP D 225 -0.13 -33.72 2.41
N ILE D 226 0.27 -33.95 1.17
CA ILE D 226 -0.40 -33.33 0.02
C ILE D 226 -1.16 -34.45 -0.68
N LEU D 227 -2.48 -34.32 -0.80
CA LEU D 227 -3.31 -35.35 -1.42
C LEU D 227 -3.47 -35.22 -2.93
N SER D 228 -3.64 -33.99 -3.41
CA SER D 228 -3.80 -33.74 -4.85
C SER D 228 -3.24 -32.38 -5.19
N TRP D 229 -2.97 -32.15 -6.48
CA TRP D 229 -2.40 -30.89 -6.89
C TRP D 229 -2.58 -30.58 -8.37
N SER D 230 -3.13 -29.42 -8.67
CA SER D 230 -3.30 -29.00 -10.07
C SER D 230 -2.75 -27.60 -10.19
N PHE D 231 -2.16 -27.32 -11.33
CA PHE D 231 -1.54 -26.02 -11.58
C PHE D 231 -1.82 -25.58 -13.01
N SER D 232 -1.98 -24.29 -13.20
CA SER D 232 -2.25 -23.76 -14.51
C SER D 232 -1.69 -22.35 -14.59
N ALA D 233 -1.00 -22.04 -15.69
CA ALA D 233 -0.41 -20.72 -15.87
C ALA D 233 -0.53 -20.25 -17.32
N SER D 234 -0.76 -18.96 -17.51
CA SER D 234 -0.91 -18.39 -18.85
C SER D 234 -0.02 -17.19 -19.04
N LEU D 235 0.85 -17.29 -20.05
CA LEU D 235 1.76 -16.21 -20.39
C LEU D 235 1.24 -15.57 -21.68
N PRO D 236 0.49 -14.46 -21.57
CA PRO D 236 -0.05 -13.77 -22.74
C PRO D 236 0.93 -13.61 -23.90
N GLY D 237 2.21 -13.51 -23.59
CA GLY D 237 3.22 -13.38 -24.64
C GLY D 237 3.50 -14.70 -25.36
C1 NAG E . 46.85 19.85 6.70
C2 NAG E . 47.59 20.05 5.39
C3 NAG E . 48.55 21.23 5.54
C4 NAG E . 47.81 22.47 6.05
C5 NAG E . 47.01 22.14 7.31
C6 NAG E . 46.15 23.30 7.76
C7 NAG E . 47.98 18.12 4.01
C8 NAG E . 48.08 16.61 4.17
N2 NAG E . 48.34 18.86 5.05
O3 NAG E . 49.18 21.52 4.26
O4 NAG E . 48.73 23.53 6.32
O5 NAG E . 46.14 21.03 7.06
O6 NAG E . 45.40 23.80 6.67
O7 NAG E . 47.57 18.60 2.94
C1 NAG E . 48.40 24.70 5.68
C2 NAG E . 49.04 25.91 6.35
C3 NAG E . 48.60 27.17 5.59
C4 NAG E . 48.84 27.03 4.06
C5 NAG E . 48.31 25.68 3.53
C6 NAG E . 48.68 25.41 2.10
C7 NAG E . 49.43 25.87 8.72
C8 NAG E . 49.38 26.93 9.80
N2 NAG E . 48.57 26.00 7.72
O3 NAG E . 49.34 28.28 6.08
O4 NAG E . 48.12 28.09 3.38
O5 NAG E . 48.83 24.60 4.33
O6 NAG E . 47.52 25.24 1.29
O7 NAG E . 50.23 24.95 8.80
C1 BMA E . 48.83 29.23 3.04
C2 BMA E . 48.04 29.99 1.97
C3 BMA E . 48.73 31.32 1.66
C4 BMA E . 48.97 32.12 2.95
C5 BMA E . 49.67 31.26 4.01
C6 BMA E . 49.77 31.95 5.36
O2 BMA E . 46.71 30.24 2.43
O3 BMA E . 47.93 32.07 0.76
O4 BMA E . 49.76 33.26 2.67
O5 BMA E . 48.93 30.03 4.22
O6 BMA E . 48.92 31.36 6.33
C1 FUC E . 50.48 21.00 4.18
C2 FUC E . 50.98 21.03 2.73
C3 FUC E . 51.26 22.48 2.28
C4 FUC E . 52.20 23.16 3.29
C5 FUC E . 51.61 23.08 4.70
C6 FUC E . 52.50 23.67 5.77
O2 FUC E . 50.02 20.43 1.88
O3 FUC E . 51.83 22.49 0.97
O4 FUC E . 53.47 22.52 3.26
O5 FUC E . 51.40 21.69 5.04
C1 NAG F . 42.96 6.18 18.06
C2 NAG F . 44.41 5.71 18.29
C3 NAG F . 44.39 4.48 19.20
C4 NAG F . 43.62 4.76 20.48
C5 NAG F . 42.21 5.26 20.13
C6 NAG F . 41.40 5.67 21.34
C7 NAG F . 46.11 5.98 16.60
C8 NAG F . 46.95 5.25 15.55
N2 NAG F . 45.00 5.36 17.01
O3 NAG F . 45.73 4.01 19.48
O4 NAG F . 43.52 3.56 21.27
O5 NAG F . 42.32 6.44 19.31
O6 NAG F . 40.12 5.08 21.31
O7 NAG F . 46.46 7.09 17.01
C1 FUC F . 46.54 4.66 20.40
C2 FUC F . 47.43 3.61 21.10
C3 FUC F . 48.41 3.00 20.09
C4 FUC F . 49.21 4.11 19.39
C5 FUC F . 48.26 5.12 18.77
C6 FUC F . 48.98 6.30 18.14
O2 FUC F . 46.62 2.58 21.65
O3 FUC F . 49.30 2.11 20.75
O4 FUC F . 50.06 4.76 20.34
O5 FUC F . 47.37 5.65 19.78
C1 NAG F . 43.61 3.72 22.65
C2 NAG F . 43.37 2.38 23.35
C3 NAG F . 43.59 2.49 24.86
C4 NAG F . 44.93 3.16 25.18
C5 NAG F . 45.08 4.48 24.40
C6 NAG F . 46.45 5.13 24.61
C7 NAG F . 41.78 1.01 22.14
C8 NAG F . 40.88 1.42 20.99
N2 NAG F . 42.02 1.92 23.09
O3 NAG F . 43.54 1.20 25.43
O4 NAG F . 45.02 3.43 26.58
O5 NAG F . 44.92 4.23 22.98
O6 NAG F . 47.17 5.26 23.39
O7 NAG F . 42.27 -0.12 22.17
C1 GLA G . 43.44 3.15 3.17
C2 GLA G . 42.50 3.97 4.09
C3 GLA G . 41.34 4.58 3.26
C4 GLA G . 41.92 5.41 2.12
C5 GLA G . 42.87 4.53 1.25
C6 GLA G . 43.48 5.34 0.13
O1 GLA G . 42.77 2.03 2.65
O2 GLA G . 41.97 3.13 5.12
O3 GLA G . 40.44 5.43 4.05
O4 GLA G . 42.64 6.52 2.64
O5 GLA G . 43.94 3.97 2.09
O6 GLA G . 44.34 4.53 -0.68
C1 GLA G . 40.49 5.54 5.47
C2 GLA G . 39.06 5.29 6.04
C3 GLA G . 38.13 6.41 5.50
C4 GLA G . 38.66 7.77 5.96
C5 GLA G . 40.12 7.94 5.44
C6 GLA G . 40.71 9.26 5.91
O2 GLA G . 38.59 4.01 5.63
O3 GLA G . 36.79 6.22 5.96
O4 GLA G . 38.64 7.85 7.39
O5 GLA G . 40.96 6.84 5.90
O6 GLA G . 42.04 9.43 5.43
C1 NAG H . -15.26 40.19 5.30
C2 NAG H . -15.83 40.03 6.72
C3 NAG H . -15.88 41.43 7.37
C4 NAG H . -14.52 42.14 7.28
C5 NAG H . -13.94 42.06 5.85
C6 NAG H . -12.52 42.57 5.77
C7 NAG H . -17.41 38.29 7.18
C8 NAG H . -18.36 37.39 6.41
N2 NAG H . -17.16 39.48 6.67
O3 NAG H . -16.28 41.34 8.74
O4 NAG H . -14.70 43.52 7.65
O5 NAG H . -13.94 40.70 5.37
O6 NAG H . -11.72 41.98 6.79
O7 NAG H . -16.89 37.89 8.23
C1 NAG H . -13.95 43.97 8.72
C2 NAG H . -13.97 45.50 8.77
C3 NAG H . -13.15 45.98 9.97
C4 NAG H . -13.54 45.25 11.27
C5 NAG H . -13.64 43.73 11.06
C6 NAG H . -14.23 42.99 12.24
C7 NAG H . -14.16 46.73 6.69
C8 NAG H . -13.59 48.05 6.20
N2 NAG H . -13.41 46.03 7.54
O3 NAG H . -13.35 47.39 10.14
O4 NAG H . -12.56 45.50 12.30
O5 NAG H . -14.49 43.44 9.93
O6 NAG H . -13.30 42.06 12.77
O7 NAG H . -15.26 46.34 6.29
C1 BMA H . -12.69 46.63 13.10
C2 BMA H . -12.45 46.26 14.57
C3 BMA H . -12.52 47.51 15.44
C4 BMA H . -11.55 48.58 14.91
C5 BMA H . -11.76 48.82 13.40
C6 BMA H . -10.72 49.76 12.80
O2 BMA H . -11.17 45.65 14.71
O3 BMA H . -12.18 47.17 16.77
O4 BMA H . -11.74 49.81 15.61
O5 BMA H . -11.69 47.58 12.68
O6 BMA H . -9.82 49.05 11.92
C1 FUC H . -17.67 41.23 9.01
C2 FUC H . -17.96 41.66 10.46
C3 FUC H . -17.81 43.18 10.61
C4 FUC H . -18.68 43.90 9.57
C5 FUC H . -18.32 43.41 8.16
C6 FUC H . -19.16 44.03 7.06
O2 FUC H . -17.05 41.00 11.33
O3 FUC H . -18.20 43.57 11.92
O4 FUC H . -20.05 43.61 9.84
O5 FUC H . -18.48 41.98 8.08
C1 NAG I . -18.67 34.75 -11.61
C2 NAG I . -19.83 35.74 -11.59
C3 NAG I . -20.65 35.68 -12.89
C4 NAG I . -19.75 35.80 -14.13
C5 NAG I . -18.59 34.78 -14.01
C6 NAG I . -17.56 34.92 -15.13
C7 NAG I . -20.92 36.38 -9.52
C8 NAG I . -22.16 36.21 -8.66
N2 NAG I . -20.70 35.46 -10.46
O3 NAG I . -21.65 36.73 -12.92
O4 NAG I . -20.53 35.59 -15.33
O5 NAG I . -17.87 34.96 -12.78
O6 NAG I . -17.33 33.67 -15.78
O7 NAG I . -20.16 37.32 -9.32
C1 FUC I . -22.95 36.33 -12.60
C2 FUC I . -23.86 37.57 -12.48
C3 FUC I . -24.10 38.19 -13.86
C4 FUC I . -24.64 37.14 -14.83
C5 FUC I . -23.71 35.93 -14.86
C6 FUC I . -24.24 34.79 -15.71
O2 FUC I . -23.25 38.52 -11.62
O3 FUC I . -25.02 39.26 -13.76
O4 FUC I . -25.95 36.73 -14.43
O5 FUC I . -23.52 35.40 -13.53
C1 NDG I . -19.93 35.91 -16.55
C2 NDG I . -20.76 36.92 -17.35
C3 NDG I . -22.02 36.27 -17.94
C4 NDG I . -21.70 34.96 -18.66
C5 NDG I . -20.90 34.04 -17.73
C6 NDG I . -20.47 32.74 -18.43
C7 NDG I . -20.45 39.17 -16.59
C8 NDG I . -19.78 39.66 -15.31
O5 NDG I . -19.69 34.72 -17.30
O3 NDG I . -22.60 37.18 -18.88
O4 NDG I . -22.91 34.30 -19.04
O6 NDG I . -19.05 32.59 -18.48
O7 NDG I . -20.33 39.82 -17.62
N2 NDG I . -21.14 38.04 -16.52
C1 GLA J . -22.38 25.47 -0.26
C2 GLA J . -21.01 25.81 -0.88
C3 GLA J . -19.86 25.36 0.02
C4 GLA J . -20.06 25.86 1.45
C5 GLA J . -21.44 25.43 1.96
C6 GLA J . -21.69 25.96 3.36
O1 GLA J . -22.58 24.10 -0.26
O2 GLA J . -20.87 25.15 -2.12
O3 GLA J . -18.57 25.82 -0.46
O4 GLA J . -19.96 27.28 1.49
O5 GLA J . -22.48 25.95 1.09
O6 GLA J . -22.95 25.53 3.87
C1 GLA J . -18.39 26.52 -1.67
C2 GLA J . -17.29 25.81 -2.51
C3 GLA J . -15.98 25.86 -1.73
C4 GLA J . -15.59 27.33 -1.49
C5 GLA J . -16.74 28.05 -0.75
C6 GLA J . -16.48 29.54 -0.59
O2 GLA J . -17.68 24.46 -2.76
O3 GLA J . -14.94 25.16 -2.40
O4 GLA J . -15.32 27.98 -2.72
O5 GLA J . -17.99 27.88 -1.46
O6 GLA J . -17.50 30.17 0.18
C1 NAG K . -41.80 -22.19 -19.75
C2 NAG K . -41.52 -22.97 -21.02
C3 NAG K . -42.40 -24.23 -21.09
C4 NAG K . -42.29 -25.06 -19.81
C5 NAG K . -42.51 -24.17 -18.58
C6 NAG K . -42.23 -24.91 -17.27
C7 NAG K . -40.76 -21.68 -22.91
C8 NAG K . -40.83 -20.26 -23.40
N2 NAG K . -41.78 -22.12 -22.17
O3 NAG K . -41.99 -25.04 -22.20
O4 NAG K . -43.28 -26.11 -19.84
O5 NAG K . -41.61 -23.03 -18.61
O6 NAG K . -40.98 -25.59 -17.31
O7 NAG K . -39.78 -22.38 -23.20
C1 NAG K . -42.84 -27.42 -19.60
C2 NAG K . -44.01 -28.30 -19.13
C3 NAG K . -43.50 -29.73 -18.90
C4 NAG K . -42.71 -30.26 -20.11
C5 NAG K . -41.68 -29.23 -20.60
C6 NAG K . -41.03 -29.63 -21.92
C7 NAG K . -45.78 -27.30 -17.83
C8 NAG K . -46.64 -27.76 -16.67
N2 NAG K . -44.53 -27.77 -17.89
O3 NAG K . -44.60 -30.57 -18.66
O4 NAG K . -42.01 -31.47 -19.73
O5 NAG K . -42.31 -27.95 -20.82
O6 NAG K . -39.63 -29.75 -21.77
O7 NAG K . -46.24 -26.52 -18.66
C1 BMA K . -42.78 -32.63 -19.60
C2 BMA K . -42.32 -33.73 -20.58
C3 BMA K . -41.16 -34.56 -20.00
C4 BMA K . -40.45 -33.80 -18.88
C5 BMA K . -41.43 -33.53 -17.74
C6 BMA K . -40.93 -32.48 -16.77
O2 BMA K . -41.92 -33.14 -21.80
O3 BMA K . -40.23 -34.89 -21.03
O4 BMA K . -39.36 -34.56 -18.39
O5 BMA K . -42.75 -33.09 -18.22
O6 BMA K . -40.31 -33.09 -15.65
C1 FUC K . -42.63 -24.76 -23.42
C2 FUC K . -41.93 -25.52 -24.55
C3 FUC K . -42.18 -27.03 -24.42
C4 FUC K . -43.71 -27.30 -24.34
C5 FUC K . -44.30 -26.48 -23.19
C6 FUC K . -45.80 -26.62 -23.06
O2 FUC K . -40.53 -25.27 -24.49
O3 FUC K . -41.63 -27.72 -25.54
O4 FUC K . -44.32 -26.92 -25.57
O5 FUC K . -44.03 -25.08 -23.38
C1 NAG L . -44.45 -5.09 -13.36
C2 NAG L . -45.82 -4.81 -13.99
C3 NAG L . -46.27 -3.36 -13.74
C4 NAG L . -46.14 -2.99 -12.25
C5 NAG L . -44.73 -3.34 -11.74
C6 NAG L . -44.58 -3.09 -10.26
C7 NAG L . -46.50 -6.01 -15.96
C8 NAG L . -46.76 -5.90 -17.45
N2 NAG L . -45.75 -5.06 -15.41
O3 NAG L . -47.66 -3.24 -14.13
O4 NAG L . -46.41 -1.59 -12.07
O5 NAG L . -44.44 -4.73 -11.97
O6 NAG L . -43.46 -2.27 -9.97
O7 NAG L . -46.97 -6.95 -15.30
C1 NAG L . -47.27 -1.23 -11.04
C2 NAG L . -47.17 0.29 -10.79
C3 NAG L . -48.21 0.71 -9.74
C4 NAG L . -49.61 0.21 -10.11
C5 NAG L . -49.57 -1.30 -10.42
C6 NAG L . -50.90 -1.85 -10.89
C7 NAG L . -44.95 1.16 -11.13
C8 NAG L . -43.67 0.39 -11.35
N2 NAG L . -45.85 0.63 -10.31
O3 NAG L . -48.24 2.13 -9.64
O4 NAG L . -50.51 0.47 -9.04
O5 NAG L . -48.60 -1.57 -11.45
O6 NAG L . -50.80 -2.41 -12.20
O7 NAG L . -45.13 2.24 -11.71
C1 GLA M . -35.30 -6.85 -24.72
C2 GLA M . -35.04 -7.16 -23.23
C3 GLA M . -33.72 -7.89 -23.05
C4 GLA M . -33.63 -9.13 -23.96
C5 GLA M . -33.86 -8.69 -25.41
C6 GLA M . -33.83 -9.89 -26.35
O1 GLA M . -34.37 -5.92 -25.16
O2 GLA M . -35.00 -5.95 -22.50
O3 GLA M . -33.47 -8.29 -21.67
O4 GLA M . -34.59 -10.11 -23.57
O5 GLA M . -35.15 -8.04 -25.53
O6 GLA M . -34.02 -9.50 -27.69
C1 GLA M . -34.43 -8.03 -20.68
C2 GLA M . -33.68 -7.61 -19.40
C3 GLA M . -32.79 -8.77 -18.92
C4 GLA M . -33.67 -10.03 -18.69
C5 GLA M . -34.43 -10.35 -19.98
C6 GLA M . -35.41 -11.50 -19.82
O2 GLA M . -32.91 -6.43 -19.64
O3 GLA M . -32.11 -8.41 -17.72
O4 GLA M . -34.60 -9.79 -17.64
O5 GLA M . -35.21 -9.19 -20.41
O6 GLA M . -35.98 -11.85 -21.08
C1 NAG N . 4.88 -35.66 24.33
C2 NAG N . 4.59 -35.25 25.77
C3 NAG N . 4.12 -36.48 26.55
C4 NAG N . 2.95 -37.16 25.84
C5 NAG N . 3.28 -37.43 24.37
C6 NAG N . 2.08 -37.95 23.59
C7 NAG N . 5.89 -33.43 26.70
C8 NAG N . 7.21 -32.73 26.43
N2 NAG N . 5.80 -34.73 26.37
O3 NAG N . 3.74 -36.10 27.88
O4 NAG N . 2.64 -38.40 26.50
O5 NAG N . 3.71 -36.21 23.73
O6 NAG N . 0.95 -37.14 23.83
O7 NAG N . 4.95 -32.81 27.18
C1 NAG N . 1.33 -38.54 26.91
C2 NAG N . 1.02 -40.00 27.25
C3 NAG N . -0.43 -40.11 27.77
C4 NAG N . -0.73 -39.06 28.84
C5 NAG N . -0.26 -37.67 28.43
C6 NAG N . -0.36 -36.65 29.56
C7 NAG N . 2.14 -41.75 26.03
C8 NAG N . 1.74 -43.15 25.59
N2 NAG N . 1.17 -40.84 26.08
O3 NAG N . -0.64 -41.40 28.31
O4 NAG N . -2.15 -39.02 29.11
O5 NAG N . 1.13 -37.70 28.04
O6 NAG N . -1.23 -35.58 29.21
O7 NAG N . 3.31 -41.52 26.33
C1 BMA N . -2.46 -39.11 30.45
C2 BMA N . -3.74 -38.35 30.79
C3 BMA N . -4.05 -38.48 32.28
C4 BMA N . -4.05 -39.97 32.69
C5 BMA N . -2.76 -40.69 32.21
C6 BMA N . -2.81 -42.18 32.45
O2 BMA N . -4.82 -38.88 30.02
O3 BMA N . -5.31 -37.90 32.56
O4 BMA N . -4.14 -40.07 34.11
O5 BMA N . -2.60 -40.49 30.80
O6 BMA N . -2.91 -42.90 31.22
C1 FUC N . 4.74 -36.30 28.84
C2 FUC N . 4.33 -35.68 30.19
C3 FUC N . 3.21 -36.52 30.86
C4 FUC N . 3.62 -38.00 30.95
C5 FUC N . 4.00 -38.51 29.54
C6 FUC N . 4.47 -39.95 29.53
O2 FUC N . 3.87 -34.35 29.99
O3 FUC N . 2.95 -36.01 32.17
O4 FUC N . 4.74 -38.14 31.83
O5 FUC N . 5.08 -37.69 28.99
C1 NAG O . 18.70 -33.86 12.33
C2 NAG O . 19.77 -34.62 13.09
C3 NAG O . 21.17 -34.31 12.52
C4 NAG O . 21.18 -34.51 11.01
C5 NAG O . 20.05 -33.71 10.36
C6 NAG O . 19.94 -33.96 8.86
C7 NAG O . 19.46 -35.14 15.44
C8 NAG O . 19.93 -34.82 16.84
N2 NAG O . 19.72 -34.24 14.50
O3 NAG O . 22.15 -35.19 13.11
O4 NAG O . 22.45 -34.06 10.49
O5 NAG O . 18.78 -34.11 10.93
O6 NAG O . 19.90 -32.74 8.14
O7 NAG O . 18.88 -36.19 15.20
C1 NAG O . 22.96 -34.73 9.40
C2 NAG O . 24.06 -33.91 8.73
C3 NAG O . 24.66 -34.71 7.56
C4 NAG O . 25.08 -36.13 7.99
C5 NAG O . 23.91 -36.81 8.74
C6 NAG O . 24.27 -38.18 9.28
C7 NAG O . 23.73 -31.53 8.88
C8 NAG O . 22.51 -30.80 9.40
N2 NAG O . 23.52 -32.67 8.23
O3 NAG O . 25.78 -34.00 7.05
O4 NAG O . 25.39 -36.91 6.82
O5 NAG O . 23.47 -35.99 9.85
O6 NAG O . 24.14 -38.23 10.69
O7 NAG O . 24.85 -31.09 9.10
C1 BMA O . 26.72 -37.14 6.50
C2 BMA O . 26.78 -38.15 5.33
C3 BMA O . 28.24 -38.30 4.83
C4 BMA O . 28.88 -36.94 4.55
C5 BMA O . 28.71 -36.00 5.76
C6 BMA O . 29.24 -34.60 5.49
O2 BMA O . 25.94 -37.71 4.27
O3 BMA O . 28.25 -39.08 3.65
O4 BMA O . 30.27 -37.10 4.28
O5 BMA O . 27.31 -35.89 6.10
O6 BMA O . 28.40 -33.89 4.59
C1 FUC O . 23.10 -34.64 13.99
C2 FUC O . 24.18 -35.69 14.27
C3 FUC O . 25.02 -35.95 13.00
C4 FUC O . 25.60 -34.63 12.46
C5 FUC O . 24.46 -33.61 12.25
C6 FUC O . 24.97 -32.24 11.85
O2 FUC O . 23.57 -36.90 14.69
O3 FUC O . 26.06 -36.86 13.27
O4 FUC O . 26.55 -34.12 13.39
O5 FUC O . 23.70 -33.44 13.48
C1 GLA P . 15.16 -21.23 20.11
C2 GLA P . 14.51 -21.88 18.86
C3 GLA P . 12.96 -21.83 19.00
C4 GLA P . 12.55 -22.54 20.30
C5 GLA P . 13.28 -21.87 21.47
C6 GLA P . 12.94 -22.61 22.75
O1 GLA P . 14.79 -19.88 20.22
O2 GLA P . 14.92 -21.19 17.68
O3 GLA P . 12.27 -22.45 17.88
O4 GLA P . 12.89 -23.92 20.22
O5 GLA P . 14.72 -21.92 21.30
O6 GLA P . 13.60 -22.03 23.85
C1 GLA P . 12.82 -23.52 17.13
C2 GLA P . 12.48 -23.29 15.63
C3 GLA P . 10.95 -23.37 15.47
C4 GLA P . 10.46 -24.75 15.94
C5 GLA P . 10.88 -24.97 17.41
C6 GLA P . 10.45 -26.35 17.90
O2 GLA P . 12.96 -22.02 15.22
O3 GLA P . 10.57 -23.15 14.13
O4 GLA P . 11.02 -25.77 15.11
O5 GLA P . 12.33 -24.82 17.55
O6 GLA P . 10.82 -26.56 19.27
CA CA Q . 32.18 7.60 2.92
MN MN R . 28.27 6.98 1.34
CA CA S . -10.57 22.27 -0.27
MN MN T . -7.95 18.95 0.08
CA CA U . -26.95 -9.81 -16.52
MN MN V . -22.83 -9.53 -15.35
CA CA W . 6.17 -20.20 12.41
MN MN X . 4.24 -17.24 10.17
#